data_9O4A
#
_entry.id   9O4A
#
_cell.length_a   1.00
_cell.length_b   1.00
_cell.length_c   1.00
_cell.angle_alpha   90.00
_cell.angle_beta   90.00
_cell.angle_gamma   90.00
#
_symmetry.space_group_name_H-M   'P 1'
#
loop_
_entity.id
_entity.type
_entity.pdbx_description
1 polymer 'Retron Ec83 probable ATPase'
2 polymer 'Retron Ec83 putative HNH endonuclease'
3 non-polymer "ADENOSINE-5'-TRIPHOSPHATE"
4 non-polymer 'ZINC ION'
#
loop_
_entity_poly.entity_id
_entity_poly.type
_entity_poly.pdbx_seq_one_letter_code
_entity_poly.pdbx_strand_id
1 'polypeptide(L)'
;MEQNLPSRITKLIKKSESGDFASSYQLYKVFGSKEYGVEPDEKMSDYFKELSAKQLEGGQLRVADIHLENYKGFESLIMD
FSMKKNSTILVGNNGCGKSTILDAIQKGLTHLSSRLSTRSHNGDGIEKHELRKGQNYASIAINYDYMGIRFPMIIATTEP
GYEDRAKSNYSGINELGSIFKTAHSINPNVSFPLIAMYTVERANDVSTRDIENSEEIKEAQIWDKFKAYNKSLTGKADFK
LFFRWFKELIEIENSDNADITALRAEIRAKEKDLDNPLLKALLAENKNSETTKKLLEDHQNSLKVLKEKLNSYYSVNSKT
LHTVEDAMYSFLPGFSNLKLQRAPLDLIVDKNNVSLSVLQLSQGEKTILALIADIARRLTLLNPNSVNPLDGTGIVLIAA
IDLHLHPSWQQNIIPRLEKTFKNIQFIVTTHSPQVCHTIDSQNIWLLKNGQKFKAPKGVRGAISSWVLENLFEVAQRPPE
DKYTKLLQEYKNLVFSEKYASEDARKLGATLSQHFGPDDETLVELKLEIEKRIWEDDFEKDQ
;
A,B
2 'polypeptide(L)'
;MILKRINKTAEDQFLINFKAQNPNGTWDEFRNHEQGILYKRLKQHICNDQMYLCAYCEIDLDRENEHEIKVEAFKSKSGS
LPGGSNWHLEWSNLLAVCLGGTNTGDDFELPANLSCDSYKSHYEDKNKINDKDWTGKILLPLTLPDAHNFFTFEKVTGKL
LPNESYCNTISIDGKPAAETLSIVTKTIEVLNLNCSRLNNARRKLLFHFNNCARERNLRKLHNLLLQWNQGEPKFFQTTR
DIIIRDDRICQGLLNGTIRY
;
C
#
loop_
_chem_comp.id
_chem_comp.type
_chem_comp.name
_chem_comp.formula
ATP non-polymer ADENOSINE-5'-TRIPHOSPHATE 'C10 H16 N5 O13 P3'
ZN non-polymer 'ZINC ION' 'Zn 2'
#
# COMPACT_ATOMS: atom_id res chain seq x y z
N LYS A 11 -40.05 -37.59 -18.40
CA LYS A 11 -39.13 -36.46 -18.41
C LYS A 11 -39.85 -35.16 -18.76
N LEU A 12 -40.61 -35.21 -19.86
CA LEU A 12 -41.35 -34.01 -20.29
C LEU A 12 -42.39 -33.60 -19.25
N ILE A 13 -43.09 -34.57 -18.67
CA ILE A 13 -44.06 -34.24 -17.63
C ILE A 13 -43.36 -33.77 -16.37
N LYS A 14 -42.21 -34.36 -16.04
CA LYS A 14 -41.50 -34.00 -14.82
C LYS A 14 -40.99 -32.56 -14.86
N LYS A 15 -40.46 -32.12 -16.01
CA LYS A 15 -39.90 -30.79 -16.12
C LYS A 15 -40.96 -29.70 -16.16
N SER A 16 -42.24 -30.06 -16.28
CA SER A 16 -43.31 -29.07 -16.26
C SER A 16 -43.44 -28.47 -14.86
N GLU A 17 -43.19 -27.17 -14.75
CA GLU A 17 -43.20 -26.49 -13.47
C GLU A 17 -44.09 -25.25 -13.54
N SER A 18 -44.73 -24.93 -12.42
CA SER A 18 -45.58 -23.77 -12.31
C SER A 18 -44.97 -22.64 -11.49
N GLY A 19 -43.88 -22.90 -10.76
CA GLY A 19 -43.23 -21.88 -9.97
C GLY A 19 -41.74 -21.80 -10.20
N ASP A 20 -41.32 -22.00 -11.44
CA ASP A 20 -39.90 -21.96 -11.79
C ASP A 20 -39.76 -21.65 -13.27
N PHE A 21 -38.96 -20.63 -13.59
CA PHE A 21 -38.68 -20.27 -14.97
C PHE A 21 -37.44 -20.97 -15.51
N ALA A 22 -36.47 -21.26 -14.65
CA ALA A 22 -35.29 -22.00 -15.07
C ALA A 22 -35.68 -23.35 -15.66
N SER A 23 -36.61 -24.05 -15.00
CA SER A 23 -37.19 -25.24 -15.60
C SER A 23 -38.05 -24.88 -16.82
N SER A 24 -38.82 -23.80 -16.72
CA SER A 24 -39.68 -23.38 -17.83
C SER A 24 -38.94 -22.45 -18.79
N TYR A 25 -37.73 -22.86 -19.16
CA TYR A 25 -37.02 -22.38 -20.34
C TYR A 25 -36.56 -23.52 -21.22
N GLN A 26 -36.17 -24.65 -20.61
CA GLN A 26 -35.95 -25.86 -21.39
C GLN A 26 -37.22 -26.29 -22.11
N LEU A 27 -38.39 -26.01 -21.54
CA LEU A 27 -39.63 -26.30 -22.24
C LEU A 27 -39.75 -25.46 -23.51
N TYR A 28 -39.44 -24.17 -23.41
CA TYR A 28 -39.43 -23.31 -24.59
C TYR A 28 -38.46 -23.84 -25.64
N LYS A 29 -37.30 -24.32 -25.20
CA LYS A 29 -36.35 -24.89 -26.16
C LYS A 29 -36.81 -26.23 -26.73
N VAL A 30 -37.63 -26.99 -26.00
CA VAL A 30 -38.13 -28.25 -26.53
C VAL A 30 -39.22 -28.02 -27.57
N PHE A 31 -40.25 -27.24 -27.23
CA PHE A 31 -41.26 -26.90 -28.22
C PHE A 31 -40.63 -25.96 -29.24
N GLY A 32 -40.26 -26.51 -30.39
CA GLY A 32 -39.41 -25.84 -31.36
C GLY A 32 -38.54 -26.85 -32.07
N SER A 33 -37.22 -26.67 -32.02
CA SER A 33 -36.30 -27.62 -32.62
C SER A 33 -34.97 -27.56 -31.88
N LYS A 34 -33.95 -28.18 -32.46
CA LYS A 34 -32.56 -28.18 -32.01
C LYS A 34 -32.31 -28.96 -30.73
N GLU A 35 -33.34 -29.52 -30.10
CA GLU A 35 -33.16 -30.30 -28.88
C GLU A 35 -33.33 -31.79 -29.14
N TYR A 36 -34.49 -32.21 -29.65
CA TYR A 36 -34.72 -33.62 -29.95
C TYR A 36 -35.55 -33.83 -31.21
N GLY A 37 -35.83 -32.78 -31.98
CA GLY A 37 -36.71 -32.91 -33.12
C GLY A 37 -38.12 -33.28 -32.69
N VAL A 38 -38.65 -32.57 -31.71
CA VAL A 38 -39.91 -32.92 -31.08
C VAL A 38 -41.01 -32.01 -31.62
N GLU A 39 -42.26 -32.31 -31.25
CA GLU A 39 -43.46 -31.68 -31.75
C GLU A 39 -43.39 -30.16 -31.71
N PRO A 40 -43.47 -29.49 -32.87
CA PRO A 40 -43.47 -28.03 -32.89
C PRO A 40 -44.87 -27.43 -32.83
N ASP A 41 -44.97 -26.31 -32.14
CA ASP A 41 -46.24 -25.61 -31.99
C ASP A 41 -45.98 -24.16 -31.62
N GLU A 42 -47.04 -23.35 -31.67
CA GLU A 42 -46.94 -21.92 -31.39
C GLU A 42 -47.78 -21.49 -30.20
N LYS A 43 -48.35 -22.42 -29.45
CA LYS A 43 -49.16 -22.12 -28.28
C LYS A 43 -48.48 -22.51 -26.98
N MET A 44 -48.06 -23.77 -26.85
CA MET A 44 -47.30 -24.17 -25.67
C MET A 44 -45.96 -23.44 -25.59
N SER A 45 -45.36 -23.15 -26.75
CA SER A 45 -44.16 -22.30 -26.76
C SER A 45 -44.48 -20.92 -26.18
N ASP A 46 -45.62 -20.35 -26.56
CA ASP A 46 -46.02 -19.06 -25.99
C ASP A 46 -46.23 -19.16 -24.49
N TYR A 47 -46.86 -20.24 -24.03
CA TYR A 47 -47.11 -20.40 -22.60
C TYR A 47 -45.82 -20.51 -21.80
N PHE A 48 -44.90 -21.36 -22.26
CA PHE A 48 -43.64 -21.57 -21.53
C PHE A 48 -42.59 -20.51 -21.83
N LYS A 49 -42.86 -19.58 -22.75
CA LYS A 49 -42.07 -18.36 -22.84
C LYS A 49 -42.64 -17.25 -21.98
N GLU A 50 -43.96 -17.21 -21.82
CA GLU A 50 -44.58 -16.32 -20.85
C GLU A 50 -44.15 -16.67 -19.44
N LEU A 51 -44.13 -17.96 -19.13
CA LEU A 51 -43.61 -18.40 -17.83
C LEU A 51 -42.10 -18.28 -17.75
N SER A 52 -41.41 -18.11 -18.88
CA SER A 52 -39.95 -17.97 -18.86
C SER A 52 -39.52 -16.70 -18.15
N ALA A 53 -40.26 -15.59 -18.31
CA ALA A 53 -39.97 -14.34 -17.60
C ALA A 53 -41.27 -13.84 -16.96
N LYS A 54 -41.52 -14.31 -15.74
CA LYS A 54 -42.66 -13.83 -14.94
C LYS A 54 -42.42 -13.83 -13.44
N GLN A 55 -41.47 -14.62 -12.92
CA GLN A 55 -41.21 -14.74 -11.49
C GLN A 55 -39.72 -14.75 -11.20
N LEU A 56 -38.93 -14.05 -12.02
CA LEU A 56 -37.48 -14.12 -11.85
C LEU A 56 -37.02 -13.38 -10.60
N GLU A 57 -37.33 -13.93 -9.43
CA GLU A 57 -36.89 -13.38 -8.16
C GLU A 57 -35.78 -14.27 -7.59
N GLY A 58 -34.62 -13.67 -7.33
CA GLY A 58 -33.48 -14.40 -6.83
C GLY A 58 -32.52 -14.89 -7.88
N GLY A 59 -32.64 -14.43 -9.12
CA GLY A 59 -31.74 -14.84 -10.18
C GLY A 59 -30.49 -14.00 -10.22
N GLN A 60 -29.33 -14.63 -10.04
CA GLN A 60 -28.05 -13.95 -10.04
C GLN A 60 -27.38 -14.15 -11.39
N LEU A 61 -27.23 -13.07 -12.16
CA LEU A 61 -26.51 -13.13 -13.42
C LEU A 61 -25.01 -13.18 -13.14
N ARG A 62 -24.35 -14.20 -13.68
CA ARG A 62 -22.94 -14.42 -13.40
C ARG A 62 -22.20 -14.82 -14.66
N VAL A 63 -20.91 -14.53 -14.68
CA VAL A 63 -20.03 -14.96 -15.77
C VAL A 63 -19.60 -16.39 -15.49
N ALA A 64 -19.90 -17.31 -16.41
CA ALA A 64 -19.57 -18.70 -16.21
C ALA A 64 -18.12 -19.00 -16.57
N ASP A 65 -17.76 -18.77 -17.83
CA ASP A 65 -16.41 -19.04 -18.29
C ASP A 65 -16.08 -18.10 -19.44
N ILE A 66 -14.79 -17.95 -19.72
CA ILE A 66 -14.30 -17.10 -20.78
C ILE A 66 -13.30 -17.90 -21.62
N HIS A 67 -13.11 -17.46 -22.86
CA HIS A 67 -12.09 -18.03 -23.72
C HIS A 67 -11.57 -16.93 -24.64
N LEU A 68 -10.25 -16.88 -24.81
CA LEU A 68 -9.59 -15.89 -25.63
C LEU A 68 -8.79 -16.58 -26.72
N GLU A 69 -8.59 -15.87 -27.84
CA GLU A 69 -7.82 -16.41 -28.95
C GLU A 69 -6.52 -15.64 -29.17
N ASN A 70 -6.60 -14.34 -29.43
CA ASN A 70 -5.42 -13.49 -29.56
C ASN A 70 -5.69 -12.07 -29.10
N TYR A 71 -6.64 -11.87 -28.20
CA TYR A 71 -6.93 -10.53 -27.72
C TYR A 71 -5.75 -10.05 -26.88
N LYS A 72 -5.01 -9.08 -27.41
CA LYS A 72 -3.74 -8.61 -26.84
C LYS A 72 -2.81 -9.82 -26.73
N GLY A 73 -1.96 -9.87 -25.71
CA GLY A 73 -0.96 -10.92 -25.67
C GLY A 73 -1.41 -12.20 -25.01
N PHE A 74 -1.91 -13.13 -25.84
CA PHE A 74 -2.31 -14.46 -25.44
C PHE A 74 -2.37 -15.32 -26.69
N GLU A 75 -2.08 -16.62 -26.53
CA GLU A 75 -2.30 -17.59 -27.58
C GLU A 75 -3.58 -18.39 -27.38
N SER A 76 -3.91 -18.72 -26.13
CA SER A 76 -5.14 -19.41 -25.78
C SER A 76 -5.28 -19.37 -24.27
N LEU A 77 -6.52 -19.22 -23.80
CA LEU A 77 -6.76 -19.17 -22.36
C LEU A 77 -8.22 -19.53 -22.10
N ILE A 78 -8.46 -20.55 -21.28
CA ILE A 78 -9.80 -20.99 -20.92
C ILE A 78 -9.91 -20.87 -19.41
N MET A 79 -10.51 -19.80 -18.94
CA MET A 79 -10.62 -19.52 -17.51
C MET A 79 -12.07 -19.64 -17.07
N ASP A 80 -12.30 -20.42 -16.02
CA ASP A 80 -13.63 -20.64 -15.47
C ASP A 80 -13.74 -19.90 -14.15
N PHE A 81 -14.80 -19.12 -13.99
CA PHE A 81 -15.00 -18.32 -12.79
C PHE A 81 -15.88 -19.07 -11.79
N SER A 82 -15.83 -18.59 -10.54
CA SER A 82 -16.53 -19.25 -9.46
C SER A 82 -18.04 -19.05 -9.59
N MET A 83 -18.79 -19.99 -9.00
CA MET A 83 -20.24 -19.92 -8.95
C MET A 83 -20.80 -19.94 -7.53
N LYS A 84 -19.98 -20.28 -6.53
CA LYS A 84 -20.39 -20.26 -5.13
C LYS A 84 -19.86 -19.03 -4.40
N LYS A 85 -18.57 -18.77 -4.50
CA LYS A 85 -17.98 -17.59 -3.89
C LYS A 85 -18.16 -16.39 -4.81
N ASN A 86 -18.53 -15.25 -4.23
CA ASN A 86 -18.85 -14.05 -4.98
C ASN A 86 -17.64 -13.12 -5.18
N SER A 87 -16.43 -13.66 -5.14
CA SER A 87 -15.23 -12.87 -5.34
C SER A 87 -14.21 -13.66 -6.13
N THR A 88 -13.57 -13.00 -7.09
CA THR A 88 -12.49 -13.58 -7.87
C THR A 88 -11.36 -12.57 -7.97
N ILE A 89 -10.13 -13.01 -7.70
CA ILE A 89 -8.97 -12.14 -7.68
C ILE A 89 -7.96 -12.65 -8.70
N LEU A 90 -7.46 -11.74 -9.52
CA LEU A 90 -6.46 -12.06 -10.55
C LEU A 90 -5.11 -11.52 -10.13
N VAL A 91 -4.09 -12.37 -10.17
CA VAL A 91 -2.75 -12.06 -9.71
C VAL A 91 -1.78 -12.25 -10.86
N GLY A 92 -0.81 -11.34 -10.96
CA GLY A 92 0.22 -11.45 -11.97
C GLY A 92 1.16 -10.27 -11.89
N ASN A 93 2.23 -10.36 -12.67
CA ASN A 93 3.23 -9.29 -12.71
C ASN A 93 2.69 -8.12 -13.53
N ASN A 94 3.55 -7.13 -13.76
CA ASN A 94 3.20 -6.00 -14.61
C ASN A 94 3.29 -6.42 -16.06
N GLY A 95 2.15 -6.40 -16.76
CA GLY A 95 2.10 -6.83 -18.14
C GLY A 95 1.80 -8.30 -18.34
N CYS A 96 1.27 -8.99 -17.33
CA CYS A 96 0.93 -10.40 -17.45
C CYS A 96 -0.54 -10.61 -17.80
N GLY A 97 -1.16 -9.64 -18.48
CA GLY A 97 -2.50 -9.81 -19.01
C GLY A 97 -3.59 -9.95 -17.98
N LYS A 98 -3.57 -9.15 -16.92
CA LYS A 98 -4.69 -9.14 -15.98
C LYS A 98 -5.81 -8.21 -16.45
N SER A 99 -5.45 -6.99 -16.87
CA SER A 99 -6.45 -6.08 -17.41
C SER A 99 -6.96 -6.51 -18.78
N THR A 100 -6.24 -7.41 -19.47
CA THR A 100 -6.73 -7.92 -20.74
C THR A 100 -8.01 -8.73 -20.55
N ILE A 101 -8.03 -9.58 -19.53
CA ILE A 101 -9.24 -10.34 -19.21
C ILE A 101 -10.38 -9.40 -18.84
N LEU A 102 -10.06 -8.37 -18.05
CA LEU A 102 -11.06 -7.38 -17.67
C LEU A 102 -11.62 -6.67 -18.89
N ASP A 103 -10.76 -6.37 -19.87
CA ASP A 103 -11.21 -5.68 -21.07
C ASP A 103 -12.05 -6.59 -21.96
N ALA A 104 -11.69 -7.88 -22.05
CA ALA A 104 -12.50 -8.82 -22.80
C ALA A 104 -13.88 -8.96 -22.18
N ILE A 105 -13.95 -9.09 -20.86
CA ILE A 105 -15.24 -9.15 -20.18
C ILE A 105 -15.98 -7.82 -20.36
N GLN A 106 -15.25 -6.71 -20.41
CA GLN A 106 -15.87 -5.41 -20.65
C GLN A 106 -16.54 -5.36 -22.02
N LYS A 107 -15.87 -5.88 -23.05
CA LYS A 107 -16.48 -5.94 -24.37
C LYS A 107 -17.72 -6.82 -24.36
N GLY A 108 -17.63 -7.97 -23.68
CA GLY A 108 -18.79 -8.83 -23.54
C GLY A 108 -19.95 -8.12 -22.86
N LEU A 109 -19.66 -7.33 -21.84
CA LEU A 109 -20.71 -6.59 -21.13
C LEU A 109 -21.26 -5.45 -21.96
N THR A 110 -20.42 -4.83 -22.81
CA THR A 110 -20.94 -3.81 -23.73
C THR A 110 -21.94 -4.43 -24.69
N HIS A 111 -21.65 -5.64 -25.17
CA HIS A 111 -22.62 -6.30 -26.05
C HIS A 111 -23.84 -6.83 -25.30
N LEU A 112 -23.67 -7.25 -24.04
CA LEU A 112 -24.82 -7.60 -23.21
C LEU A 112 -25.73 -6.40 -23.00
N SER A 113 -25.13 -5.25 -22.69
CA SER A 113 -25.85 -3.99 -22.71
C SER A 113 -26.34 -3.71 -24.13
N SER A 114 -27.21 -2.71 -24.24
CA SER A 114 -27.97 -2.34 -25.43
C SER A 114 -29.12 -3.30 -25.68
N ARG A 115 -29.24 -4.39 -24.92
CA ARG A 115 -30.47 -5.20 -24.95
C ARG A 115 -31.47 -4.71 -23.92
N LEU A 116 -31.08 -4.72 -22.64
CA LEU A 116 -31.91 -4.19 -21.57
C LEU A 116 -31.65 -2.71 -21.30
N SER A 117 -30.54 -2.17 -21.78
CA SER A 117 -30.33 -0.73 -21.74
C SER A 117 -31.10 -0.03 -22.86
N THR A 118 -31.32 -0.75 -23.97
CA THR A 118 -32.01 -0.27 -25.17
C THR A 118 -31.29 0.90 -25.83
N ARG A 119 -29.99 1.08 -25.55
CA ARG A 119 -29.18 2.08 -26.25
C ARG A 119 -28.65 1.48 -27.56
N SER A 120 -29.57 1.35 -28.52
CA SER A 120 -29.32 0.71 -29.81
C SER A 120 -28.98 -0.76 -29.59
N HIS A 121 -28.22 -1.35 -30.53
CA HIS A 121 -27.68 -2.69 -30.36
C HIS A 121 -26.20 -2.74 -30.75
N ASN A 122 -25.49 -1.65 -30.49
CA ASN A 122 -24.06 -1.58 -30.78
C ASN A 122 -23.28 -2.33 -29.70
N GLY A 123 -21.95 -2.24 -29.78
CA GLY A 123 -21.09 -2.90 -28.83
C GLY A 123 -19.66 -2.40 -28.91
N ASP A 124 -18.70 -3.32 -28.80
CA ASP A 124 -17.28 -2.96 -28.88
C ASP A 124 -16.54 -4.12 -29.51
N GLY A 125 -16.19 -3.99 -30.79
CA GLY A 125 -15.42 -5.00 -31.47
C GLY A 125 -13.95 -4.92 -31.12
N ILE A 126 -13.20 -5.88 -31.65
CA ILE A 126 -11.77 -5.96 -31.40
C ILE A 126 -11.05 -5.08 -32.40
N GLU A 127 -10.40 -4.03 -31.91
CA GLU A 127 -9.68 -3.10 -32.78
C GLU A 127 -8.41 -3.75 -33.31
N LYS A 128 -7.86 -3.15 -34.37
CA LYS A 128 -6.67 -3.70 -35.01
C LYS A 128 -5.49 -3.73 -34.06
N HIS A 129 -5.35 -2.71 -33.22
CA HIS A 129 -4.26 -2.68 -32.24
C HIS A 129 -4.45 -3.70 -31.13
N GLU A 130 -5.61 -4.34 -31.04
CA GLU A 130 -5.84 -5.36 -30.01
C GLU A 130 -5.54 -6.77 -30.49
N LEU A 131 -5.45 -6.99 -31.80
CA LEU A 131 -5.01 -8.30 -32.30
C LEU A 131 -3.56 -8.55 -31.91
N ARG A 132 -3.25 -9.80 -31.61
CA ARG A 132 -1.89 -10.16 -31.23
C ARG A 132 -0.93 -9.86 -32.37
N LYS A 133 0.26 -9.38 -32.01
CA LYS A 133 1.20 -8.89 -33.00
C LYS A 133 1.66 -9.98 -33.95
N GLY A 134 1.18 -9.94 -35.19
CA GLY A 134 1.63 -10.85 -36.21
C GLY A 134 0.71 -11.99 -36.57
N GLN A 135 -0.56 -11.96 -36.15
CA GLN A 135 -1.51 -12.99 -36.53
C GLN A 135 -2.76 -12.35 -37.10
N ASN A 136 -3.63 -13.20 -37.66
CA ASN A 136 -4.70 -12.75 -38.53
C ASN A 136 -6.11 -13.01 -37.98
N TYR A 137 -6.24 -13.44 -36.74
CA TYR A 137 -7.58 -13.64 -36.19
C TYR A 137 -7.52 -13.56 -34.67
N ALA A 138 -8.68 -13.25 -34.08
CA ALA A 138 -8.85 -13.19 -32.65
C ALA A 138 -10.32 -13.38 -32.34
N SER A 139 -10.60 -13.91 -31.15
CA SER A 139 -11.99 -14.16 -30.75
C SER A 139 -12.10 -14.08 -29.24
N ILE A 140 -13.06 -13.30 -28.76
CA ILE A 140 -13.35 -13.22 -27.34
C ILE A 140 -14.66 -13.98 -27.10
N ALA A 141 -14.55 -15.24 -26.72
CA ALA A 141 -15.71 -16.10 -26.49
C ALA A 141 -16.10 -16.00 -25.02
N ILE A 142 -17.28 -15.46 -24.75
CA ILE A 142 -17.74 -15.22 -23.39
C ILE A 142 -19.04 -15.97 -23.17
N ASN A 143 -19.18 -16.55 -21.98
CA ASN A 143 -20.37 -17.29 -21.61
C ASN A 143 -20.96 -16.69 -20.34
N TYR A 144 -22.22 -16.99 -20.08
CA TYR A 144 -22.91 -16.35 -18.96
C TYR A 144 -23.81 -17.39 -18.30
N ASP A 145 -24.59 -16.94 -17.31
CA ASP A 145 -25.55 -17.79 -16.61
C ASP A 145 -26.54 -16.92 -15.84
N TYR A 146 -27.84 -17.13 -16.07
CA TYR A 146 -28.89 -16.44 -15.32
C TYR A 146 -29.87 -17.50 -14.83
N MET A 147 -29.75 -17.87 -13.55
CA MET A 147 -30.60 -18.87 -12.93
C MET A 147 -30.52 -20.20 -13.70
N GLY A 148 -29.32 -20.75 -13.74
CA GLY A 148 -29.09 -22.05 -14.35
C GLY A 148 -28.71 -22.10 -15.82
N ILE A 149 -29.48 -21.43 -16.67
CA ILE A 149 -29.29 -21.55 -18.11
C ILE A 149 -28.05 -20.77 -18.54
N ARG A 150 -27.32 -21.32 -19.50
CA ARG A 150 -26.10 -20.70 -20.02
C ARG A 150 -26.41 -19.97 -21.33
N PHE A 151 -25.93 -18.75 -21.44
CA PHE A 151 -26.17 -17.91 -22.62
C PHE A 151 -24.83 -17.47 -23.20
N PRO A 152 -24.44 -17.98 -24.36
CA PRO A 152 -23.08 -17.75 -24.87
C PRO A 152 -22.92 -16.45 -25.65
N MET A 153 -21.66 -16.11 -25.90
CA MET A 153 -21.26 -14.97 -26.73
C MET A 153 -19.98 -15.34 -27.46
N ILE A 154 -19.84 -14.90 -28.71
CA ILE A 154 -18.56 -14.92 -29.41
C ILE A 154 -18.39 -13.59 -30.13
N ILE A 155 -17.26 -12.92 -29.85
CA ILE A 155 -16.87 -11.72 -30.57
C ILE A 155 -15.74 -12.11 -31.51
N ALA A 156 -15.95 -11.91 -32.81
CA ALA A 156 -15.00 -12.32 -33.83
C ALA A 156 -14.42 -11.10 -34.54
N THR A 157 -13.14 -11.19 -34.86
CA THR A 157 -12.46 -10.15 -35.64
C THR A 157 -11.40 -10.81 -36.50
N THR A 158 -11.51 -10.63 -37.81
CA THR A 158 -10.59 -11.22 -38.76
C THR A 158 -9.82 -10.12 -39.50
N GLU A 159 -8.96 -10.56 -40.42
CA GLU A 159 -8.18 -9.66 -41.27
C GLU A 159 -8.38 -10.22 -42.68
N PRO A 160 -8.61 -9.37 -43.70
CA PRO A 160 -9.14 -9.90 -44.98
C PRO A 160 -8.28 -10.97 -45.62
N GLY A 161 -8.95 -11.96 -46.20
CA GLY A 161 -8.31 -13.18 -46.65
C GLY A 161 -8.40 -14.33 -45.68
N TYR A 162 -8.88 -14.10 -44.45
CA TYR A 162 -8.94 -15.13 -43.42
C TYR A 162 -10.27 -15.05 -42.67
N GLU A 163 -11.36 -14.85 -43.39
CA GLU A 163 -12.68 -14.74 -42.78
C GLU A 163 -13.31 -16.09 -42.44
N ASP A 164 -12.70 -17.20 -42.86
CA ASP A 164 -13.25 -18.53 -42.64
C ASP A 164 -12.79 -19.12 -41.31
N ARG A 165 -12.40 -18.30 -40.35
CA ARG A 165 -11.86 -18.78 -39.08
C ARG A 165 -12.75 -18.48 -37.88
N ALA A 166 -13.45 -17.35 -37.87
CA ALA A 166 -14.26 -16.98 -36.71
C ALA A 166 -15.42 -16.11 -37.17
N LYS A 167 -16.58 -16.31 -36.54
CA LYS A 167 -17.78 -15.52 -36.84
C LYS A 167 -18.51 -15.23 -35.54
N SER A 168 -19.01 -14.01 -35.41
CA SER A 168 -19.73 -13.61 -34.21
C SER A 168 -21.11 -14.25 -34.18
N ASN A 169 -21.58 -14.56 -32.98
CA ASN A 169 -22.88 -15.21 -32.80
C ASN A 169 -23.87 -14.33 -32.07
N TYR A 170 -23.55 -13.88 -30.85
CA TYR A 170 -24.43 -13.02 -30.04
C TYR A 170 -25.82 -13.62 -29.83
N SER A 171 -25.94 -14.94 -29.90
CA SER A 171 -27.25 -15.57 -29.75
C SER A 171 -27.70 -15.57 -28.28
N GLY A 172 -26.78 -15.87 -27.36
CA GLY A 172 -27.16 -15.98 -25.97
C GLY A 172 -27.70 -14.67 -25.40
N ILE A 173 -27.01 -13.57 -25.70
CA ILE A 173 -27.49 -12.27 -25.25
C ILE A 173 -28.74 -11.86 -26.01
N ASN A 174 -28.86 -12.24 -27.29
CA ASN A 174 -30.06 -11.93 -28.03
C ASN A 174 -31.28 -12.62 -27.43
N GLU A 175 -31.07 -13.75 -26.76
CA GLU A 175 -32.17 -14.40 -26.05
C GLU A 175 -32.35 -13.84 -24.63
N LEU A 176 -31.26 -13.52 -23.96
CA LEU A 176 -31.33 -13.04 -22.59
C LEU A 176 -31.98 -11.66 -22.51
N GLY A 177 -31.60 -10.77 -23.42
CA GLY A 177 -32.26 -9.48 -23.51
C GLY A 177 -33.73 -9.61 -23.87
N SER A 178 -34.07 -10.60 -24.70
CA SER A 178 -35.47 -10.87 -24.96
C SER A 178 -36.21 -11.26 -23.68
N ILE A 179 -35.59 -12.10 -22.86
CA ILE A 179 -36.19 -12.50 -21.59
C ILE A 179 -36.43 -11.28 -20.70
N PHE A 180 -35.40 -10.44 -20.53
CA PHE A 180 -35.56 -9.27 -19.66
C PHE A 180 -36.56 -8.27 -20.22
N LYS A 181 -36.55 -8.05 -21.54
CA LYS A 181 -37.49 -7.11 -22.13
C LYS A 181 -38.92 -7.60 -21.99
N THR A 182 -39.15 -8.91 -22.17
CA THR A 182 -40.48 -9.47 -21.93
C THR A 182 -40.88 -9.31 -20.48
N ALA A 183 -39.95 -9.55 -19.55
CA ALA A 183 -40.27 -9.40 -18.13
C ALA A 183 -40.66 -7.96 -17.80
N HIS A 184 -39.93 -6.98 -18.35
CA HIS A 184 -40.28 -5.59 -18.13
C HIS A 184 -41.63 -5.25 -18.75
N SER A 185 -41.87 -5.71 -19.98
CA SER A 185 -43.16 -5.44 -20.64
C SER A 185 -44.32 -6.02 -19.85
N ILE A 186 -44.08 -7.13 -19.12
CA ILE A 186 -45.10 -7.68 -18.26
C ILE A 186 -45.24 -6.86 -16.98
N ASN A 187 -44.14 -6.70 -16.26
CA ASN A 187 -44.14 -5.99 -14.98
C ASN A 187 -43.12 -4.87 -15.01
N PRO A 188 -43.52 -3.60 -14.89
CA PRO A 188 -42.53 -2.52 -14.83
C PRO A 188 -41.70 -2.53 -13.56
N ASN A 189 -42.18 -3.13 -12.48
CA ASN A 189 -41.45 -3.17 -11.21
C ASN A 189 -40.70 -4.50 -11.09
N VAL A 190 -39.65 -4.62 -11.89
CA VAL A 190 -38.82 -5.82 -11.93
C VAL A 190 -37.36 -5.42 -11.75
N SER A 191 -36.63 -6.20 -10.97
CA SER A 191 -35.21 -5.93 -10.76
C SER A 191 -34.43 -6.21 -12.03
N PHE A 192 -33.26 -5.59 -12.12
CA PHE A 192 -32.38 -5.70 -13.28
C PHE A 192 -30.95 -5.88 -12.83
N PRO A 193 -30.12 -6.53 -13.64
CA PRO A 193 -28.72 -6.73 -13.26
C PRO A 193 -27.87 -5.49 -13.49
N LEU A 194 -26.76 -5.43 -12.76
CA LEU A 194 -25.80 -4.34 -12.85
C LEU A 194 -24.63 -4.74 -13.73
N ILE A 195 -24.18 -3.80 -14.56
CA ILE A 195 -23.12 -4.06 -15.53
C ILE A 195 -21.99 -3.06 -15.23
N ALA A 196 -21.80 -2.78 -13.94
CA ALA A 196 -20.82 -1.77 -13.54
C ALA A 196 -19.40 -2.22 -13.88
N MET A 197 -18.55 -1.23 -14.17
CA MET A 197 -17.15 -1.46 -14.49
C MET A 197 -16.34 -0.26 -14.04
N TYR A 198 -15.25 -0.51 -13.33
CA TYR A 198 -14.44 0.56 -12.75
C TYR A 198 -12.97 0.29 -13.04
N THR A 199 -12.22 1.36 -13.31
CA THR A 199 -10.80 1.27 -13.65
C THR A 199 -9.98 2.12 -12.69
N VAL A 200 -8.69 2.24 -13.00
CA VAL A 200 -7.78 3.07 -12.20
C VAL A 200 -8.06 4.56 -12.35
N GLU A 201 -8.88 4.95 -13.31
CA GLU A 201 -9.31 6.33 -13.49
C GLU A 201 -10.68 6.57 -12.86
N ARG A 202 -10.93 5.91 -11.73
CA ARG A 202 -12.23 5.96 -11.08
C ARG A 202 -12.51 7.35 -10.52
N ALA A 203 -11.68 7.80 -9.58
CA ALA A 203 -11.90 9.08 -8.90
C ALA A 203 -11.15 10.21 -9.60
N ASN A 204 -11.37 10.35 -10.90
CA ASN A 204 -10.83 11.46 -11.67
C ASN A 204 -11.84 12.58 -11.86
N ASP A 205 -13.05 12.44 -11.30
CA ASP A 205 -14.09 13.43 -11.47
C ASP A 205 -14.67 13.93 -10.14
N VAL A 206 -14.26 13.36 -9.01
CA VAL A 206 -14.84 13.71 -7.71
C VAL A 206 -14.43 15.13 -7.36
N SER A 207 -15.38 16.07 -7.48
CA SER A 207 -15.17 17.48 -7.21
C SER A 207 -16.51 18.18 -7.39
N THR A 208 -16.60 19.40 -6.83
CA THR A 208 -17.80 20.22 -6.96
C THR A 208 -17.45 21.60 -7.52
N ARG A 209 -16.35 21.71 -8.26
CA ARG A 209 -15.94 22.97 -8.83
C ARG A 209 -16.70 23.23 -10.12
N ASP A 210 -17.35 24.40 -10.21
CA ASP A 210 -18.17 24.77 -11.36
C ASP A 210 -19.24 23.71 -11.64
N ILE A 211 -19.81 23.16 -10.56
CA ILE A 211 -20.78 22.09 -10.70
C ILE A 211 -22.17 22.61 -11.01
N GLU A 212 -22.40 23.92 -10.84
CA GLU A 212 -23.69 24.50 -11.20
C GLU A 212 -23.84 24.67 -12.70
N ASN A 213 -22.76 25.00 -13.41
CA ASN A 213 -22.82 25.19 -14.85
C ASN A 213 -22.47 23.94 -15.64
N SER A 214 -22.11 22.84 -14.96
CA SER A 214 -21.82 21.61 -15.66
C SER A 214 -23.10 20.98 -16.19
N GLU A 215 -22.94 20.10 -17.20
CA GLU A 215 -24.09 19.49 -17.84
C GLU A 215 -24.87 18.60 -16.87
N GLU A 216 -24.20 18.05 -15.86
CA GLU A 216 -24.87 17.19 -14.89
C GLU A 216 -25.98 17.96 -14.16
N ILE A 217 -25.60 18.99 -13.40
CA ILE A 217 -26.64 19.88 -12.87
C ILE A 217 -26.80 21.01 -13.88
N LYS A 218 -27.44 20.71 -15.01
CA LYS A 218 -28.01 21.71 -15.90
C LYS A 218 -29.32 21.26 -16.53
N GLU A 219 -29.56 19.95 -16.63
CA GLU A 219 -30.62 19.36 -17.43
C GLU A 219 -31.61 18.67 -16.51
N ALA A 220 -32.73 18.23 -17.10
CA ALA A 220 -33.74 17.47 -16.35
C ALA A 220 -33.44 15.99 -16.51
N GLN A 221 -32.48 15.52 -15.70
CA GLN A 221 -32.12 14.10 -15.71
C GLN A 221 -33.32 13.26 -15.31
N ILE A 222 -33.57 12.19 -16.06
CA ILE A 222 -34.67 11.28 -15.79
C ILE A 222 -34.12 10.13 -14.94
N TRP A 223 -34.69 9.96 -13.75
CA TRP A 223 -34.29 8.88 -12.85
C TRP A 223 -35.22 7.70 -13.10
N ASP A 224 -34.73 6.70 -13.83
CA ASP A 224 -35.50 5.50 -14.12
C ASP A 224 -34.58 4.30 -14.02
N LYS A 225 -35.04 3.17 -14.54
CA LYS A 225 -34.40 1.88 -14.36
C LYS A 225 -33.59 1.45 -15.59
N PHE A 226 -33.61 2.24 -16.67
CA PHE A 226 -32.78 1.96 -17.84
C PHE A 226 -31.64 2.93 -18.03
N LYS A 227 -31.69 4.12 -17.43
CA LYS A 227 -30.59 5.07 -17.55
C LYS A 227 -29.46 4.78 -16.57
N ALA A 228 -29.69 3.88 -15.61
CA ALA A 228 -28.66 3.56 -14.62
C ALA A 228 -27.42 2.93 -15.24
N TYR A 229 -27.53 2.44 -16.48
CA TYR A 229 -26.40 1.86 -17.18
C TYR A 229 -25.60 2.89 -17.97
N ASN A 230 -26.02 4.15 -17.95
CA ASN A 230 -25.31 5.19 -18.68
C ASN A 230 -23.96 5.47 -18.01
N LYS A 231 -22.91 5.54 -18.83
CA LYS A 231 -21.54 5.78 -18.33
C LYS A 231 -21.14 4.74 -17.29
N SER A 232 -21.59 3.51 -17.49
CA SER A 232 -21.27 2.43 -16.56
C SER A 232 -20.06 1.63 -17.03
N LEU A 233 -19.99 1.30 -18.31
CA LEU A 233 -18.86 0.57 -18.89
C LEU A 233 -17.81 1.51 -19.46
N THR A 234 -17.39 2.47 -18.65
CA THR A 234 -16.35 3.42 -19.03
C THR A 234 -15.18 3.48 -18.06
N GLY A 235 -15.36 3.09 -16.81
CA GLY A 235 -14.30 3.14 -15.83
C GLY A 235 -14.30 4.35 -14.94
N LYS A 236 -15.35 5.16 -14.95
CA LYS A 236 -15.43 6.37 -14.16
C LYS A 236 -16.74 6.39 -13.37
N ALA A 237 -16.66 6.84 -12.13
CA ALA A 237 -17.83 7.00 -11.28
C ALA A 237 -18.25 8.47 -11.31
N ASP A 238 -19.44 8.74 -11.85
CA ASP A 238 -19.92 10.10 -12.00
C ASP A 238 -20.34 10.64 -10.63
N PHE A 239 -19.46 11.40 -10.00
CA PHE A 239 -19.80 12.02 -8.71
C PHE A 239 -20.78 13.17 -8.88
N LYS A 240 -20.70 13.88 -10.01
CA LYS A 240 -21.59 15.04 -10.20
C LYS A 240 -23.03 14.60 -10.36
N LEU A 241 -23.27 13.50 -11.06
CA LEU A 241 -24.64 13.00 -11.20
C LEU A 241 -25.15 12.48 -9.86
N PHE A 242 -24.26 11.90 -9.05
CA PHE A 242 -24.61 11.56 -7.67
C PHE A 242 -25.00 12.80 -6.88
N PHE A 243 -24.27 13.90 -7.08
CA PHE A 243 -24.60 15.15 -6.39
C PHE A 243 -25.97 15.66 -6.81
N ARG A 244 -26.28 15.54 -8.10
CA ARG A 244 -27.59 15.92 -8.63
C ARG A 244 -28.69 15.11 -7.95
N TRP A 245 -28.48 13.78 -7.88
CA TRP A 245 -29.41 12.88 -7.21
C TRP A 245 -29.58 13.23 -5.74
N PHE A 246 -28.47 13.50 -5.05
CA PHE A 246 -28.52 13.81 -3.63
C PHE A 246 -29.25 15.11 -3.38
N LYS A 247 -29.03 16.12 -4.24
CA LYS A 247 -29.74 17.37 -4.11
C LYS A 247 -31.24 17.16 -4.26
N GLU A 248 -31.66 16.36 -5.24
CA GLU A 248 -33.08 16.06 -5.35
C GLU A 248 -33.61 15.31 -4.14
N LEU A 249 -32.90 14.29 -3.66
CA LEU A 249 -33.39 13.53 -2.52
C LEU A 249 -33.38 14.31 -1.21
N ILE A 250 -32.60 15.39 -1.13
CA ILE A 250 -32.58 16.19 0.09
C ILE A 250 -33.51 17.39 0.01
N GLU A 251 -33.89 17.83 -1.20
CA GLU A 251 -34.83 18.95 -1.32
C GLU A 251 -36.27 18.51 -1.52
N ILE A 252 -36.52 17.43 -2.28
CA ILE A 252 -37.89 17.00 -2.53
C ILE A 252 -38.54 16.45 -1.27
N GLU A 253 -37.76 16.10 -0.25
CA GLU A 253 -38.34 15.66 1.01
C GLU A 253 -39.22 16.73 1.65
N ASN A 254 -38.98 18.00 1.34
CA ASN A 254 -39.79 19.09 1.86
C ASN A 254 -40.70 19.65 0.77
N ASN A 317 -40.57 7.64 0.78
CA ASN A 317 -39.39 6.99 0.21
C ASN A 317 -38.11 7.61 0.78
N SER A 318 -38.13 7.93 2.08
CA SER A 318 -36.94 8.44 2.74
C SER A 318 -35.87 7.39 2.92
N LYS A 319 -36.19 6.12 2.72
CA LYS A 319 -35.19 5.06 2.84
C LYS A 319 -34.18 5.10 1.71
N THR A 320 -34.50 5.77 0.60
CA THR A 320 -33.56 5.84 -0.53
C THR A 320 -32.27 6.53 -0.12
N LEU A 321 -32.36 7.65 0.58
CA LEU A 321 -31.17 8.34 1.05
C LEU A 321 -30.54 7.63 2.25
N HIS A 322 -31.38 7.10 3.15
CA HIS A 322 -30.88 6.48 4.37
C HIS A 322 -30.05 5.24 4.06
N THR A 323 -30.54 4.39 3.17
CA THR A 323 -29.82 3.16 2.83
C THR A 323 -28.49 3.47 2.16
N VAL A 324 -28.50 4.43 1.23
CA VAL A 324 -27.25 4.83 0.57
C VAL A 324 -26.25 5.39 1.56
N GLU A 325 -26.73 6.23 2.48
CA GLU A 325 -25.85 6.81 3.48
C GLU A 325 -25.26 5.74 4.40
N ASP A 326 -26.08 4.76 4.78
CA ASP A 326 -25.62 3.73 5.72
C ASP A 326 -25.02 2.53 4.99
N ALA A 327 -24.22 2.81 3.97
CA ALA A 327 -23.15 1.95 3.48
C ALA A 327 -21.84 2.71 3.38
N MET A 328 -21.90 3.96 2.95
CA MET A 328 -20.74 4.84 3.02
C MET A 328 -20.35 5.08 4.47
N TYR A 329 -21.33 5.02 5.38
CA TYR A 329 -21.03 5.08 6.80
C TYR A 329 -20.23 3.87 7.24
N SER A 330 -20.55 2.70 6.69
CA SER A 330 -19.83 1.48 7.06
C SER A 330 -18.41 1.47 6.49
N PHE A 331 -18.25 1.85 5.23
CA PHE A 331 -16.90 1.83 4.65
C PHE A 331 -16.02 2.95 5.19
N LEU A 332 -16.61 4.05 5.63
CA LEU A 332 -15.83 5.16 6.16
C LEU A 332 -15.96 5.19 7.68
N PRO A 333 -14.92 4.83 8.42
CA PRO A 333 -14.99 4.76 9.91
C PRO A 333 -14.91 6.12 10.59
N GLY A 334 -16.07 6.78 10.72
CA GLY A 334 -16.12 8.05 11.41
C GLY A 334 -16.77 9.17 10.62
N PHE A 335 -17.53 8.83 9.59
CA PHE A 335 -18.24 9.81 8.76
C PHE A 335 -19.73 9.74 9.04
N SER A 336 -20.36 10.92 9.17
CA SER A 336 -21.77 10.97 9.47
C SER A 336 -22.36 12.29 8.99
N ASN A 337 -23.69 12.30 8.85
CA ASN A 337 -24.48 13.52 8.61
C ASN A 337 -24.04 14.23 7.33
N LEU A 338 -24.26 13.54 6.20
CA LEU A 338 -24.15 14.20 4.91
C LEU A 338 -25.31 15.17 4.73
N LYS A 339 -24.99 16.39 4.29
CA LYS A 339 -26.02 17.42 4.14
C LYS A 339 -25.64 18.34 2.98
N LEU A 340 -26.64 18.80 2.25
CA LEU A 340 -26.43 19.71 1.14
C LEU A 340 -26.09 21.11 1.64
N GLN A 341 -25.23 21.80 0.90
CA GLN A 341 -24.89 23.19 1.16
C GLN A 341 -25.47 24.04 0.03
N ARG A 342 -26.51 24.81 0.35
CA ARG A 342 -27.16 25.68 -0.62
C ARG A 342 -26.43 27.00 -0.82
N ALA A 343 -25.27 27.16 -0.17
CA ALA A 343 -24.26 28.16 -0.46
C ALA A 343 -23.58 27.69 -1.76
N PRO A 344 -22.47 28.32 -2.25
CA PRO A 344 -21.78 27.73 -3.42
C PRO A 344 -21.65 26.22 -3.31
N LEU A 345 -22.20 25.51 -4.29
CA LEU A 345 -22.68 24.16 -4.09
C LEU A 345 -21.54 23.20 -3.74
N ASP A 346 -21.73 22.43 -2.67
CA ASP A 346 -20.76 21.44 -2.24
C ASP A 346 -21.45 20.51 -1.25
N LEU A 347 -20.84 19.35 -1.02
CA LEU A 347 -21.38 18.35 -0.12
C LEU A 347 -20.61 18.38 1.19
N ILE A 348 -21.33 18.35 2.31
CA ILE A 348 -20.76 18.51 3.64
C ILE A 348 -20.87 17.19 4.39
N VAL A 349 -19.74 16.73 4.93
CA VAL A 349 -19.69 15.53 5.74
C VAL A 349 -19.03 15.88 7.08
N ASP A 350 -19.33 15.07 8.09
CA ASP A 350 -18.80 15.27 9.43
C ASP A 350 -17.80 14.16 9.74
N LYS A 351 -16.52 14.53 9.88
CA LYS A 351 -15.47 13.60 10.27
C LYS A 351 -15.15 13.86 11.73
N ASN A 352 -15.79 13.08 12.62
CA ASN A 352 -15.60 13.20 14.06
C ASN A 352 -15.94 14.60 14.55
N ASN A 353 -17.21 14.97 14.36
CA ASN A 353 -17.78 16.25 14.77
C ASN A 353 -17.14 17.45 14.09
N VAL A 354 -16.39 17.23 13.00
CA VAL A 354 -15.77 18.30 12.24
C VAL A 354 -16.39 18.29 10.85
N SER A 355 -17.10 19.36 10.51
CA SER A 355 -17.76 19.44 9.21
C SER A 355 -16.72 19.65 8.12
N LEU A 356 -16.80 18.82 7.07
CA LEU A 356 -15.81 18.84 6.00
C LEU A 356 -16.53 18.77 4.65
N SER A 357 -15.86 19.28 3.63
CA SER A 357 -16.37 19.24 2.27
C SER A 357 -15.70 18.10 1.50
N VAL A 358 -16.16 17.87 0.27
CA VAL A 358 -15.60 16.80 -0.55
C VAL A 358 -14.18 17.12 -0.95
N LEU A 359 -13.91 18.37 -1.34
CA LEU A 359 -12.56 18.75 -1.74
C LEU A 359 -11.57 18.66 -0.59
N GLN A 360 -12.04 18.75 0.65
CA GLN A 360 -11.19 18.71 1.82
C GLN A 360 -10.91 17.29 2.32
N LEU A 361 -11.46 16.28 1.66
CA LEU A 361 -11.20 14.89 2.01
C LEU A 361 -9.95 14.37 1.32
N SER A 362 -9.55 13.16 1.66
CA SER A 362 -8.36 12.54 1.11
C SER A 362 -8.70 11.72 -0.13
N GLN A 363 -7.66 11.31 -0.84
CA GLN A 363 -7.86 10.60 -2.11
C GLN A 363 -8.54 9.25 -1.90
N GLY A 364 -8.10 8.48 -0.91
CA GLY A 364 -8.73 7.19 -0.66
C GLY A 364 -10.16 7.31 -0.20
N GLU A 365 -10.43 8.27 0.69
CA GLU A 365 -11.80 8.49 1.15
C GLU A 365 -12.71 8.88 0.00
N LYS A 366 -12.24 9.77 -0.88
CA LYS A 366 -13.03 10.15 -2.05
C LYS A 366 -13.22 8.97 -3.00
N THR A 367 -12.21 8.11 -3.13
CA THR A 367 -12.33 6.96 -4.02
C THR A 367 -13.42 6.00 -3.53
N ILE A 368 -13.37 5.64 -2.24
CA ILE A 368 -14.40 4.77 -1.70
C ILE A 368 -15.77 5.46 -1.71
N LEU A 369 -15.78 6.77 -1.45
CA LEU A 369 -17.03 7.53 -1.52
C LEU A 369 -17.68 7.41 -2.88
N ALA A 370 -16.91 7.70 -3.94
CA ALA A 370 -17.44 7.64 -5.29
C ALA A 370 -17.86 6.23 -5.66
N LEU A 371 -17.04 5.23 -5.33
CA LEU A 371 -17.38 3.85 -5.69
C LEU A 371 -18.68 3.42 -5.04
N ILE A 372 -18.78 3.58 -3.71
CA ILE A 372 -19.96 3.12 -2.99
C ILE A 372 -21.18 3.92 -3.40
N ALA A 373 -21.03 5.23 -3.62
CA ALA A 373 -22.16 6.03 -4.07
C ALA A 373 -22.64 5.59 -5.44
N ASP A 374 -21.68 5.26 -6.32
CA ASP A 374 -22.05 4.85 -7.70
C ASP A 374 -22.83 3.54 -7.64
N ILE A 375 -22.34 2.56 -6.87
CA ILE A 375 -23.05 1.28 -6.77
C ILE A 375 -24.41 1.47 -6.12
N ALA A 376 -24.48 2.25 -5.05
CA ALA A 376 -25.74 2.46 -4.35
C ALA A 376 -26.78 3.09 -5.27
N ARG A 377 -26.39 4.14 -6.00
CA ARG A 377 -27.31 4.81 -6.90
C ARG A 377 -27.74 3.90 -8.06
N ARG A 378 -26.77 3.25 -8.71
CA ARG A 378 -27.07 2.37 -9.83
C ARG A 378 -27.80 1.11 -9.42
N LEU A 379 -27.88 0.79 -8.13
CA LEU A 379 -28.65 -0.37 -7.70
C LEU A 379 -29.97 -0.02 -7.05
N THR A 380 -30.11 1.19 -6.49
CA THR A 380 -31.44 1.66 -6.09
C THR A 380 -32.26 2.09 -7.29
N LEU A 381 -31.62 2.49 -8.39
CA LEU A 381 -32.37 2.78 -9.61
C LEU A 381 -32.88 1.52 -10.28
N LEU A 382 -32.17 0.40 -10.11
CA LEU A 382 -32.52 -0.83 -10.81
C LEU A 382 -33.57 -1.66 -10.08
N ASN A 383 -33.83 -1.38 -8.80
CA ASN A 383 -34.74 -2.17 -7.98
C ASN A 383 -35.79 -1.26 -7.37
N PRO A 384 -36.74 -0.79 -8.18
CA PRO A 384 -37.78 0.10 -7.66
C PRO A 384 -38.74 -0.63 -6.73
N ASN A 385 -39.25 0.11 -5.75
CA ASN A 385 -40.29 -0.36 -4.83
C ASN A 385 -39.87 -1.67 -4.14
N SER A 386 -38.65 -1.69 -3.64
CA SER A 386 -38.12 -2.82 -2.88
C SER A 386 -37.95 -2.42 -1.42
N VAL A 387 -37.66 -3.43 -0.59
CA VAL A 387 -37.50 -3.22 0.84
C VAL A 387 -36.01 -3.20 1.19
N ASN A 388 -35.20 -3.89 0.39
CA ASN A 388 -33.75 -3.92 0.56
C ASN A 388 -33.12 -3.65 -0.80
N PRO A 389 -33.03 -2.37 -1.20
CA PRO A 389 -32.50 -2.06 -2.54
C PRO A 389 -31.11 -2.61 -2.81
N LEU A 390 -30.22 -2.60 -1.83
CA LEU A 390 -28.83 -2.99 -2.07
C LEU A 390 -28.61 -4.50 -1.92
N ASP A 391 -29.46 -5.30 -2.57
CA ASP A 391 -29.17 -6.72 -2.76
C ASP A 391 -29.00 -7.06 -4.24
N GLY A 392 -30.04 -6.85 -5.05
CA GLY A 392 -29.99 -6.94 -6.49
C GLY A 392 -29.20 -8.11 -7.08
N THR A 393 -28.61 -7.86 -8.24
CA THR A 393 -27.64 -8.74 -8.86
C THR A 393 -26.85 -7.91 -9.86
N GLY A 394 -25.63 -8.33 -10.14
CA GLY A 394 -24.82 -7.60 -11.09
C GLY A 394 -23.43 -8.18 -11.21
N ILE A 395 -22.74 -7.76 -12.26
CA ILE A 395 -21.37 -8.14 -12.52
C ILE A 395 -20.50 -6.89 -12.48
N VAL A 396 -19.92 -6.60 -11.33
CA VAL A 396 -19.15 -5.38 -11.12
C VAL A 396 -17.67 -5.71 -11.25
N LEU A 397 -16.99 -5.04 -12.17
CA LEU A 397 -15.58 -5.25 -12.41
C LEU A 397 -14.80 -4.08 -11.83
N ILE A 398 -13.81 -4.38 -10.99
CA ILE A 398 -13.02 -3.36 -10.33
C ILE A 398 -11.54 -3.65 -10.62
N ALA A 399 -10.86 -2.67 -11.20
CA ALA A 399 -9.44 -2.77 -11.47
C ALA A 399 -8.67 -2.06 -10.37
N ALA A 400 -7.70 -2.76 -9.78
CA ALA A 400 -6.87 -2.24 -8.70
C ALA A 400 -7.75 -1.80 -7.52
N ILE A 401 -8.40 -2.79 -6.92
CA ILE A 401 -9.26 -2.55 -5.75
C ILE A 401 -8.47 -2.10 -4.54
N ASP A 402 -7.14 -2.16 -4.60
CA ASP A 402 -6.26 -1.69 -3.52
C ASP A 402 -5.74 -0.29 -3.79
N LEU A 403 -6.42 0.47 -4.65
CA LEU A 403 -5.91 1.77 -5.10
C LEU A 403 -6.09 2.81 -4.00
N HIS A 404 -4.98 3.42 -3.59
CA HIS A 404 -4.99 4.53 -2.63
C HIS A 404 -5.65 4.14 -1.32
N LEU A 405 -5.37 2.92 -0.84
CA LEU A 405 -5.91 2.42 0.42
C LEU A 405 -4.76 2.04 1.34
N HIS A 406 -4.92 2.31 2.63
CA HIS A 406 -3.99 1.85 3.64
C HIS A 406 -4.19 0.34 3.84
N PRO A 407 -3.13 -0.41 4.15
CA PRO A 407 -3.30 -1.86 4.34
C PRO A 407 -4.30 -2.24 5.42
N SER A 408 -4.61 -1.35 6.35
CA SER A 408 -5.72 -1.61 7.27
C SER A 408 -7.04 -1.71 6.52
N TRP A 409 -7.26 -0.85 5.54
CA TRP A 409 -8.43 -0.91 4.68
C TRP A 409 -8.31 -1.98 3.61
N GLN A 410 -7.08 -2.30 3.18
CA GLN A 410 -6.87 -3.38 2.23
C GLN A 410 -6.86 -4.70 2.96
N GLN A 411 -7.73 -4.88 3.93
CA GLN A 411 -7.81 -6.13 4.66
C GLN A 411 -9.28 -6.39 4.96
N ASN A 412 -10.10 -5.36 4.77
CA ASN A 412 -11.53 -5.44 4.97
C ASN A 412 -12.33 -4.83 3.84
N ILE A 413 -11.68 -4.36 2.78
CA ILE A 413 -12.44 -3.80 1.66
C ILE A 413 -13.37 -4.85 1.03
N ILE A 414 -12.92 -6.09 0.93
CA ILE A 414 -13.69 -7.12 0.24
C ILE A 414 -14.81 -7.67 1.12
N PRO A 415 -14.54 -8.13 2.36
CA PRO A 415 -15.66 -8.61 3.19
C PRO A 415 -16.71 -7.55 3.44
N ARG A 416 -16.31 -6.29 3.57
CA ARG A 416 -17.27 -5.21 3.76
C ARG A 416 -18.18 -5.08 2.54
N LEU A 417 -17.58 -5.16 1.34
CA LEU A 417 -18.37 -5.12 0.12
C LEU A 417 -19.35 -6.28 0.04
N GLU A 418 -18.90 -7.49 0.40
CA GLU A 418 -19.79 -8.65 0.32
C GLU A 418 -20.85 -8.64 1.42
N LYS A 419 -20.61 -7.95 2.54
CA LYS A 419 -21.68 -7.78 3.52
C LYS A 419 -22.68 -6.73 3.08
N THR A 420 -22.22 -5.67 2.42
CA THR A 420 -23.12 -4.60 1.96
C THR A 420 -23.77 -4.96 0.64
N PHE A 421 -22.96 -5.24 -0.39
CA PHE A 421 -23.47 -5.63 -1.70
C PHE A 421 -23.28 -7.15 -1.82
N LYS A 422 -24.25 -7.88 -1.29
CA LYS A 422 -24.13 -9.33 -1.16
C LYS A 422 -24.22 -10.04 -2.50
N ASN A 423 -25.38 -9.93 -3.17
CA ASN A 423 -25.63 -10.72 -4.37
C ASN A 423 -25.05 -10.05 -5.61
N ILE A 424 -23.77 -9.70 -5.56
CA ILE A 424 -23.08 -9.08 -6.68
C ILE A 424 -21.71 -9.74 -6.82
N GLN A 425 -21.36 -10.12 -8.05
CA GLN A 425 -20.06 -10.72 -8.31
C GLN A 425 -19.00 -9.63 -8.48
N PHE A 426 -17.80 -9.91 -8.00
CA PHE A 426 -16.68 -8.95 -8.05
C PHE A 426 -15.46 -9.67 -8.61
N ILE A 427 -15.20 -9.48 -9.90
CA ILE A 427 -13.97 -9.95 -10.53
C ILE A 427 -12.98 -8.81 -10.46
N VAL A 428 -12.07 -8.86 -9.48
CA VAL A 428 -11.18 -7.74 -9.19
C VAL A 428 -9.74 -8.13 -9.46
N THR A 429 -8.91 -7.11 -9.65
CA THR A 429 -7.48 -7.28 -9.87
C THR A 429 -6.74 -6.57 -8.74
N THR A 430 -5.75 -7.25 -8.17
CA THR A 430 -5.05 -6.76 -6.99
C THR A 430 -3.55 -6.78 -7.21
N HIS A 431 -2.86 -5.90 -6.49
CA HIS A 431 -1.41 -5.85 -6.48
C HIS A 431 -0.83 -5.98 -5.08
N SER A 432 -1.65 -6.34 -4.09
CA SER A 432 -1.22 -6.40 -2.71
C SER A 432 -1.62 -7.73 -2.09
N PRO A 433 -0.82 -8.24 -1.15
CA PRO A 433 -1.19 -9.49 -0.47
C PRO A 433 -2.16 -9.32 0.67
N GLN A 434 -2.31 -8.10 1.19
CA GLN A 434 -3.22 -7.88 2.31
C GLN A 434 -4.66 -8.14 1.90
N VAL A 435 -5.05 -7.72 0.69
CA VAL A 435 -6.36 -8.07 0.15
C VAL A 435 -6.44 -9.52 -0.32
N CYS A 436 -5.32 -10.25 -0.26
CA CYS A 436 -5.31 -11.64 -0.72
C CYS A 436 -5.34 -12.65 0.41
N HIS A 437 -4.86 -12.32 1.61
CA HIS A 437 -5.10 -13.25 2.72
C HIS A 437 -6.46 -12.95 3.37
N THR A 438 -7.47 -12.81 2.51
CA THR A 438 -8.86 -12.73 2.92
C THR A 438 -9.78 -13.51 1.99
N ILE A 439 -9.22 -14.20 0.98
CA ILE A 439 -9.99 -14.88 -0.05
C ILE A 439 -9.42 -16.28 -0.21
N ASP A 440 -10.31 -17.26 -0.40
CA ASP A 440 -9.90 -18.64 -0.53
C ASP A 440 -9.01 -18.84 -1.76
N SER A 441 -8.20 -19.91 -1.71
CA SER A 441 -7.29 -20.21 -2.80
C SER A 441 -8.05 -20.52 -4.08
N GLN A 442 -9.16 -21.24 -3.97
CA GLN A 442 -9.94 -21.65 -5.14
C GLN A 442 -10.56 -20.47 -5.90
N ASN A 443 -10.59 -19.29 -5.30
CA ASN A 443 -11.14 -18.09 -5.94
C ASN A 443 -10.05 -17.10 -6.33
N ILE A 444 -8.81 -17.55 -6.47
CA ILE A 444 -7.69 -16.70 -6.85
C ILE A 444 -7.00 -17.33 -8.06
N TRP A 445 -6.80 -16.55 -9.12
CA TRP A 445 -6.15 -17.00 -10.33
C TRP A 445 -4.86 -16.22 -10.54
N LEU A 446 -3.77 -16.94 -10.78
CA LEU A 446 -2.46 -16.33 -11.03
C LEU A 446 -2.13 -16.47 -12.51
N LEU A 447 -1.76 -15.35 -13.13
CA LEU A 447 -1.41 -15.31 -14.54
C LEU A 447 0.09 -15.18 -14.69
N LYS A 448 0.69 -16.06 -15.47
CA LYS A 448 2.14 -16.08 -15.64
C LYS A 448 2.47 -16.63 -17.01
N ASN A 449 3.24 -15.86 -17.80
CA ASN A 449 3.69 -16.28 -19.13
C ASN A 449 2.52 -16.65 -20.03
N GLY A 450 1.42 -15.90 -19.93
CA GLY A 450 0.28 -16.14 -20.77
C GLY A 450 -0.56 -17.35 -20.41
N GLN A 451 -0.34 -17.94 -19.24
CA GLN A 451 -1.07 -19.14 -18.82
C GLN A 451 -1.59 -18.93 -17.41
N LYS A 452 -2.66 -19.65 -17.08
CA LYS A 452 -3.27 -19.57 -15.76
C LYS A 452 -2.66 -20.61 -14.84
N PHE A 453 -2.37 -20.21 -13.61
CA PHE A 453 -1.91 -21.11 -12.55
C PHE A 453 -2.71 -20.81 -11.30
N LYS A 454 -3.23 -21.85 -10.67
CA LYS A 454 -4.07 -21.65 -9.48
C LYS A 454 -3.22 -21.40 -8.25
N ALA A 455 -3.83 -20.75 -7.27
CA ALA A 455 -3.12 -20.35 -6.06
C ALA A 455 -2.81 -21.57 -5.19
N PRO A 456 -1.76 -21.49 -4.37
CA PRO A 456 -1.46 -22.59 -3.44
C PRO A 456 -2.49 -22.68 -2.33
N LYS A 457 -2.50 -23.85 -1.68
CA LYS A 457 -3.46 -24.09 -0.61
C LYS A 457 -3.09 -23.30 0.64
N GLY A 458 -4.11 -22.82 1.35
CA GLY A 458 -3.91 -22.11 2.60
C GLY A 458 -3.56 -20.64 2.45
N VAL A 459 -4.48 -19.86 1.89
CA VAL A 459 -4.26 -18.43 1.71
C VAL A 459 -5.26 -17.57 2.50
N ARG A 460 -6.43 -18.11 2.87
CA ARG A 460 -7.45 -17.27 3.51
C ARG A 460 -6.96 -16.66 4.81
N GLY A 461 -6.31 -17.45 5.66
CA GLY A 461 -5.87 -16.95 6.95
C GLY A 461 -4.36 -17.03 7.11
N ALA A 462 -3.63 -16.77 6.05
CA ALA A 462 -2.19 -16.94 6.05
C ALA A 462 -1.47 -15.63 6.38
N ILE A 463 -0.24 -15.78 6.88
CA ILE A 463 0.61 -14.63 7.11
C ILE A 463 0.96 -13.99 5.77
N SER A 464 1.08 -12.66 5.76
CA SER A 464 1.32 -11.94 4.51
C SER A 464 2.61 -12.37 3.83
N SER A 465 3.63 -12.76 4.62
CA SER A 465 4.89 -13.18 4.02
C SER A 465 4.71 -14.47 3.22
N TRP A 466 3.93 -15.42 3.73
CA TRP A 466 3.70 -16.67 3.00
C TRP A 466 2.96 -16.40 1.69
N VAL A 467 1.95 -15.54 1.72
CA VAL A 467 1.24 -15.19 0.49
C VAL A 467 2.18 -14.50 -0.48
N LEU A 468 3.04 -13.62 0.03
CA LEU A 468 4.01 -12.93 -0.83
C LEU A 468 4.95 -13.91 -1.51
N GLU A 469 5.43 -14.91 -0.77
CA GLU A 469 6.41 -15.83 -1.34
C GLU A 469 5.79 -16.97 -2.13
N ASN A 470 4.48 -17.21 -2.02
CA ASN A 470 3.87 -18.33 -2.73
C ASN A 470 2.85 -17.94 -3.78
N LEU A 471 2.40 -16.69 -3.83
CA LEU A 471 1.43 -16.24 -4.82
C LEU A 471 1.83 -14.93 -5.50
N PHE A 472 2.72 -14.15 -4.90
CA PHE A 472 3.19 -12.88 -5.44
C PHE A 472 4.70 -12.93 -5.54
N GLU A 473 5.25 -13.99 -6.15
CA GLU A 473 6.57 -14.49 -5.82
C GLU A 473 7.63 -13.39 -5.68
N VAL A 474 8.04 -13.18 -4.43
CA VAL A 474 9.01 -12.18 -4.02
C VAL A 474 9.64 -12.66 -2.72
N ALA A 475 10.94 -12.47 -2.58
CA ALA A 475 11.58 -12.74 -1.31
C ALA A 475 11.00 -11.81 -0.24
N GLN A 476 10.64 -12.38 0.91
CA GLN A 476 10.10 -11.58 2.00
C GLN A 476 11.13 -10.62 2.58
N ARG A 477 12.40 -10.80 2.24
CA ARG A 477 13.48 -9.95 2.69
C ARG A 477 14.28 -9.52 1.45
N PRO A 478 14.64 -8.25 1.34
CA PRO A 478 15.11 -7.70 0.07
C PRO A 478 16.26 -8.49 -0.51
N PRO A 479 16.10 -9.04 -1.72
CA PRO A 479 17.21 -9.79 -2.35
C PRO A 479 18.46 -8.95 -2.53
N GLU A 480 18.34 -7.65 -2.74
CA GLU A 480 19.48 -6.75 -2.89
C GLU A 480 19.46 -5.77 -1.72
N ASP A 481 20.21 -6.09 -0.68
CA ASP A 481 20.29 -5.25 0.51
C ASP A 481 21.51 -5.67 1.32
N LYS A 482 22.07 -4.71 2.05
CA LYS A 482 23.23 -4.99 2.88
C LYS A 482 22.91 -5.85 4.09
N TYR A 483 21.63 -6.01 4.44
CA TYR A 483 21.24 -6.69 5.65
C TYR A 483 20.49 -7.99 5.38
N THR A 484 20.35 -8.40 4.13
CA THR A 484 19.82 -9.72 3.77
C THR A 484 20.92 -10.67 3.35
N LYS A 485 21.84 -10.20 2.49
CA LYS A 485 23.01 -10.99 2.16
C LYS A 485 23.85 -11.26 3.39
N LEU A 486 24.02 -10.25 4.25
CA LEU A 486 24.74 -10.45 5.50
C LEU A 486 24.03 -11.46 6.38
N LEU A 487 22.70 -11.40 6.46
CA LEU A 487 21.96 -12.36 7.27
C LEU A 487 22.14 -13.77 6.76
N GLN A 488 22.07 -13.96 5.45
CA GLN A 488 22.21 -15.30 4.89
C GLN A 488 23.63 -15.83 5.08
N GLU A 489 24.64 -14.96 4.92
CA GLU A 489 26.02 -15.38 5.16
C GLU A 489 26.23 -15.74 6.62
N TYR A 490 25.64 -14.96 7.54
CA TYR A 490 25.76 -15.26 8.96
C TYR A 490 25.10 -16.59 9.29
N LYS A 491 23.94 -16.87 8.70
CA LYS A 491 23.30 -18.18 8.89
C LYS A 491 24.17 -19.31 8.35
N ASN A 492 24.78 -19.10 7.19
CA ASN A 492 25.66 -20.13 6.63
C ASN A 492 26.84 -20.39 7.55
N LEU A 493 27.42 -19.34 8.12
CA LEU A 493 28.52 -19.51 9.07
C LEU A 493 28.06 -20.21 10.33
N VAL A 494 26.86 -19.88 10.83
CA VAL A 494 26.37 -20.48 12.06
C VAL A 494 26.11 -21.96 11.89
N PHE A 495 25.40 -22.34 10.83
CA PHE A 495 25.07 -23.74 10.58
C PHE A 495 26.20 -24.46 9.84
N SER A 496 27.40 -24.36 10.40
CA SER A 496 28.59 -24.98 9.81
C SER A 496 29.55 -25.31 10.96
N GLU A 497 30.80 -25.58 10.61
CA GLU A 497 31.83 -25.88 11.60
C GLU A 497 32.55 -24.63 12.10
N LYS A 498 32.25 -23.46 11.54
CA LYS A 498 32.90 -22.21 11.92
C LYS A 498 31.91 -21.25 12.59
N TYR A 499 31.00 -21.80 13.40
CA TYR A 499 30.02 -20.99 14.10
C TYR A 499 30.69 -20.03 15.08
N ALA A 500 31.84 -20.42 15.64
CA ALA A 500 32.56 -19.60 16.59
C ALA A 500 33.69 -18.81 15.95
N SER A 501 33.77 -18.81 14.62
CA SER A 501 34.80 -18.06 13.92
C SER A 501 34.62 -16.57 14.14
N GLU A 502 35.72 -15.82 14.02
CA GLU A 502 35.67 -14.39 14.24
C GLU A 502 34.77 -13.69 13.23
N ASP A 503 34.71 -14.20 12.00
CA ASP A 503 33.84 -13.60 11.00
C ASP A 503 32.37 -13.75 11.39
N ALA A 504 31.99 -14.93 11.89
CA ALA A 504 30.61 -15.13 12.31
C ALA A 504 30.24 -14.19 13.46
N ARG A 505 31.15 -14.03 14.44
CA ARG A 505 30.90 -13.11 15.54
C ARG A 505 30.76 -11.68 15.05
N LYS A 506 31.63 -11.28 14.12
CA LYS A 506 31.57 -9.91 13.58
C LYS A 506 30.25 -9.66 12.87
N LEU A 507 29.82 -10.61 12.04
CA LEU A 507 28.56 -10.43 11.32
C LEU A 507 27.37 -10.47 12.27
N GLY A 508 27.44 -11.30 13.31
CA GLY A 508 26.36 -11.32 14.29
C GLY A 508 26.25 -10.01 15.03
N ALA A 509 27.38 -9.42 15.43
CA ALA A 509 27.35 -8.11 16.06
C ALA A 509 26.82 -7.05 15.11
N THR A 510 27.23 -7.11 13.85
CA THR A 510 26.76 -6.13 12.87
C THR A 510 25.25 -6.21 12.69
N LEU A 511 24.70 -7.43 12.60
CA LEU A 511 23.26 -7.56 12.44
C LEU A 511 22.51 -7.20 13.72
N SER A 512 23.09 -7.48 14.88
CA SER A 512 22.43 -7.13 16.13
C SER A 512 22.38 -5.62 16.34
N GLN A 513 23.44 -4.91 15.93
CA GLN A 513 23.45 -3.46 16.11
C GLN A 513 22.41 -2.75 15.27
N HIS A 514 21.88 -3.42 14.24
CA HIS A 514 20.87 -2.81 13.36
C HIS A 514 19.47 -3.35 13.62
N PHE A 515 19.30 -4.67 13.67
CA PHE A 515 17.97 -5.24 13.90
C PHE A 515 17.60 -5.28 15.37
N GLY A 516 18.52 -4.95 16.27
CA GLY A 516 18.27 -5.02 17.68
C GLY A 516 18.71 -6.36 18.25
N PRO A 517 19.18 -6.36 19.50
CA PRO A 517 19.63 -7.60 20.11
C PRO A 517 18.52 -8.61 20.36
N ASP A 518 17.27 -8.23 20.17
CA ASP A 518 16.14 -9.03 20.61
C ASP A 518 15.28 -9.48 19.43
N ASP A 519 15.83 -9.48 18.22
CA ASP A 519 15.09 -9.91 17.04
C ASP A 519 14.81 -11.40 17.10
N GLU A 520 13.72 -11.80 16.43
CA GLU A 520 13.25 -13.19 16.52
C GLU A 520 14.27 -14.17 15.94
N THR A 521 14.90 -13.83 14.82
CA THR A 521 15.83 -14.74 14.17
C THR A 521 17.16 -14.83 14.92
N LEU A 522 17.69 -13.69 15.37
CA LEU A 522 18.99 -13.69 16.03
C LEU A 522 18.95 -14.46 17.34
N VAL A 523 17.81 -14.45 18.04
CA VAL A 523 17.66 -15.27 19.23
C VAL A 523 17.84 -16.75 18.89
N GLU A 524 17.20 -17.19 17.80
CA GLU A 524 17.33 -18.58 17.39
C GLU A 524 18.77 -18.92 17.03
N LEU A 525 19.44 -18.03 16.29
CA LEU A 525 20.83 -18.29 15.93
C LEU A 525 21.72 -18.37 17.18
N LYS A 526 21.52 -17.47 18.13
CA LYS A 526 22.29 -17.51 19.37
C LYS A 526 22.02 -18.79 20.14
N LEU A 527 20.77 -19.25 20.15
CA LEU A 527 20.45 -20.50 20.83
C LEU A 527 21.19 -21.67 20.21
N GLU A 528 21.22 -21.74 18.88
CA GLU A 528 21.98 -22.81 18.21
C GLU A 528 23.46 -22.71 18.50
N ILE A 529 24.00 -21.49 18.54
CA ILE A 529 25.41 -21.32 18.88
C ILE A 529 25.70 -21.84 20.29
N GLU A 530 24.83 -21.52 21.25
CA GLU A 530 25.02 -22.01 22.61
C GLU A 530 24.96 -23.53 22.65
N LYS A 531 24.01 -24.12 21.93
CA LYS A 531 23.92 -25.59 21.91
C LYS A 531 25.20 -26.21 21.36
N ARG A 532 25.75 -25.62 20.29
CA ARG A 532 26.95 -26.21 19.70
C ARG A 532 28.18 -25.97 20.56
N ILE A 533 28.24 -24.84 21.27
CA ILE A 533 29.28 -24.67 22.30
C ILE A 533 29.20 -25.80 23.30
N TRP A 534 28.01 -26.08 23.82
CA TRP A 534 27.90 -27.12 24.83
C TRP A 534 28.30 -28.47 24.26
N GLU A 535 27.92 -28.76 23.01
CA GLU A 535 28.20 -30.07 22.44
C GLU A 535 29.67 -30.25 22.09
N ASP A 536 30.36 -29.18 21.74
CA ASP A 536 31.81 -29.29 21.53
C ASP A 536 32.57 -29.18 22.84
N ASP A 537 31.88 -28.85 23.95
CA ASP A 537 32.54 -28.80 25.24
C ASP A 537 32.29 -29.98 26.18
N PHE A 538 31.23 -30.78 26.00
CA PHE A 538 31.14 -31.90 26.94
C PHE A 538 31.91 -33.12 26.44
N GLU A 539 32.19 -33.18 25.14
CA GLU A 539 32.94 -34.28 24.54
C GLU A 539 34.42 -33.99 24.40
N LYS A 540 34.85 -32.74 24.53
CA LYS A 540 36.25 -32.37 24.39
C LYS A 540 37.05 -32.84 25.59
N ASN B 4 38.50 45.36 8.81
CA ASN B 4 38.26 43.94 8.94
C ASN B 4 39.21 43.32 9.97
N LEU B 5 38.65 42.57 10.90
CA LEU B 5 39.46 41.92 11.94
C LEU B 5 40.26 40.78 11.33
N PRO B 6 41.60 40.77 11.47
CA PRO B 6 42.43 39.70 10.89
C PRO B 6 42.46 38.44 11.73
N SER B 7 41.30 38.00 12.21
CA SER B 7 41.16 36.76 12.96
C SER B 7 40.23 35.77 12.28
N ARG B 8 39.01 36.18 11.94
CA ARG B 8 38.06 35.33 11.24
C ARG B 8 37.82 35.74 9.80
N ILE B 9 37.86 37.03 9.50
CA ILE B 9 37.69 37.48 8.11
C ILE B 9 38.82 36.95 7.24
N THR B 10 40.06 36.98 7.73
CA THR B 10 41.17 36.44 6.95
C THR B 10 41.04 34.93 6.80
N LYS B 11 40.59 34.23 7.84
CA LYS B 11 40.41 32.79 7.74
C LYS B 11 39.34 32.45 6.71
N LEU B 12 38.26 33.23 6.67
CA LEU B 12 37.21 32.98 5.68
C LEU B 12 37.68 33.31 4.26
N ILE B 13 38.40 34.42 4.09
CA ILE B 13 38.85 34.79 2.76
C ILE B 13 39.91 33.81 2.24
N LYS B 14 40.65 33.17 3.16
CA LYS B 14 41.63 32.17 2.72
C LYS B 14 40.94 31.03 1.96
N LYS B 15 39.80 30.55 2.47
CA LYS B 15 39.04 29.53 1.76
C LYS B 15 38.24 30.11 0.61
N SER B 16 37.79 31.36 0.72
CA SER B 16 37.02 31.97 -0.35
C SER B 16 37.84 32.13 -1.63
N GLU B 17 39.11 32.52 -1.49
CA GLU B 17 39.98 32.64 -2.64
C GLU B 17 40.27 31.28 -3.27
N SER B 18 40.19 30.21 -2.49
CA SER B 18 40.41 28.86 -3.02
C SER B 18 39.23 28.41 -3.88
N GLY B 19 38.03 28.91 -3.61
CA GLY B 19 36.87 28.56 -4.39
C GLY B 19 35.85 27.72 -3.65
N ASP B 20 34.80 28.37 -3.16
CA ASP B 20 33.69 27.69 -2.48
C ASP B 20 32.55 28.69 -2.33
N PHE B 21 31.33 28.23 -2.63
CA PHE B 21 30.17 29.11 -2.51
C PHE B 21 29.89 29.49 -1.06
N ALA B 22 29.91 28.52 -0.15
CA ALA B 22 29.64 28.81 1.25
C ALA B 22 30.70 29.72 1.85
N SER B 23 31.97 29.46 1.56
CA SER B 23 33.04 30.26 2.12
C SER B 23 32.99 31.69 1.59
N SER B 24 32.72 31.87 0.30
CA SER B 24 32.61 33.21 -0.26
C SER B 24 31.38 33.93 0.26
N TYR B 25 30.27 33.21 0.44
CA TYR B 25 29.04 33.83 0.94
C TYR B 25 29.12 34.18 2.42
N GLN B 26 29.99 33.51 3.17
CA GLN B 26 30.09 33.77 4.61
C GLN B 26 30.41 35.22 4.90
N LEU B 27 31.36 35.80 4.14
CA LEU B 27 31.72 37.20 4.32
C LEU B 27 30.86 38.16 3.51
N TYR B 28 30.06 37.65 2.57
CA TYR B 28 29.23 38.52 1.74
C TYR B 28 28.20 39.26 2.58
N LYS B 29 27.53 38.54 3.48
CA LYS B 29 26.58 39.18 4.37
C LYS B 29 27.27 39.97 5.48
N VAL B 30 28.48 39.54 5.88
CA VAL B 30 29.22 40.28 6.90
C VAL B 30 29.57 41.68 6.40
N PHE B 31 30.06 41.76 5.17
CA PHE B 31 30.38 43.05 4.56
C PHE B 31 29.16 43.53 3.79
N GLY B 32 28.29 44.27 4.48
CA GLY B 32 27.07 44.78 3.88
C GLY B 32 25.89 44.79 4.83
N GLU B 39 31.87 48.27 9.78
CA GLU B 39 31.48 49.34 8.88
C GLU B 39 31.21 48.82 7.48
N PRO B 40 30.01 49.09 6.95
CA PRO B 40 29.68 48.65 5.60
C PRO B 40 30.62 49.25 4.56
N ASP B 41 30.95 48.45 3.55
CA ASP B 41 31.86 48.85 2.49
C ASP B 41 31.18 49.04 1.13
N GLU B 42 30.12 48.29 0.85
CA GLU B 42 29.29 48.38 -0.36
C GLU B 42 30.03 47.94 -1.62
N LYS B 43 31.29 47.52 -1.53
CA LYS B 43 32.03 46.98 -2.65
C LYS B 43 32.55 45.58 -2.39
N MET B 44 32.99 45.29 -1.18
CA MET B 44 33.30 43.92 -0.79
C MET B 44 32.08 43.03 -0.97
N SER B 45 30.88 43.55 -0.72
CA SER B 45 29.66 42.79 -0.96
C SER B 45 29.54 42.41 -2.43
N ASP B 46 29.82 43.35 -3.33
CA ASP B 46 29.75 43.05 -4.76
C ASP B 46 30.79 42.02 -5.16
N TYR B 47 32.02 42.15 -4.63
CA TYR B 47 33.07 41.19 -4.96
C TYR B 47 32.71 39.79 -4.46
N PHE B 48 32.19 39.69 -3.25
CA PHE B 48 31.79 38.40 -2.71
C PHE B 48 30.61 37.81 -3.46
N LYS B 49 29.66 38.66 -3.89
CA LYS B 49 28.56 38.17 -4.70
C LYS B 49 29.06 37.61 -6.03
N GLU B 50 30.01 38.31 -6.66
CA GLU B 50 30.61 37.80 -7.89
C GLU B 50 31.28 36.45 -7.66
N LEU B 51 32.08 36.35 -6.60
CA LEU B 51 32.79 35.11 -6.31
C LEU B 51 31.82 33.96 -6.02
N SER B 52 30.75 34.24 -5.28
CA SER B 52 29.78 33.21 -4.94
C SER B 52 29.02 32.75 -6.18
N ALA B 53 28.54 33.70 -6.99
CA ALA B 53 27.80 33.34 -8.19
C ALA B 53 28.69 32.58 -9.17
N LYS B 54 29.99 32.86 -9.17
CA LYS B 54 30.90 32.12 -10.04
C LYS B 54 31.21 30.72 -9.51
N GLN B 55 31.00 30.47 -8.22
CA GLN B 55 31.42 29.24 -7.57
C GLN B 55 30.25 28.36 -7.17
N LEU B 56 29.23 28.26 -8.03
CA LEU B 56 28.08 27.40 -7.79
C LEU B 56 28.25 26.00 -8.41
N GLU B 57 29.48 25.59 -8.68
CA GLU B 57 29.72 24.27 -9.24
C GLU B 57 29.63 23.20 -8.15
N GLY B 58 29.04 22.05 -8.51
CA GLY B 58 28.92 20.96 -7.58
C GLY B 58 27.90 21.15 -6.49
N GLY B 59 26.96 22.08 -6.65
CA GLY B 59 25.97 22.31 -5.64
C GLY B 59 24.83 21.31 -5.67
N GLN B 60 24.14 21.21 -4.53
CA GLN B 60 23.00 20.32 -4.40
C GLN B 60 21.93 21.02 -3.57
N LEU B 61 20.73 21.14 -4.13
CA LEU B 61 19.62 21.82 -3.46
C LEU B 61 18.77 20.80 -2.73
N ARG B 62 18.52 21.06 -1.44
CA ARG B 62 17.68 20.21 -0.62
C ARG B 62 16.74 21.05 0.20
N VAL B 63 15.62 20.45 0.60
CA VAL B 63 14.72 21.03 1.59
C VAL B 63 15.11 20.52 2.96
N ALA B 64 15.24 21.44 3.92
CA ALA B 64 15.75 21.11 5.25
C ALA B 64 14.64 20.83 6.25
N ASP B 65 13.72 21.77 6.43
CA ASP B 65 12.65 21.60 7.41
C ASP B 65 11.44 22.41 6.98
N ILE B 66 10.27 21.98 7.46
CA ILE B 66 9.02 22.68 7.24
C ILE B 66 8.29 22.80 8.57
N HIS B 67 7.35 23.73 8.63
CA HIS B 67 6.56 23.92 9.84
C HIS B 67 5.19 24.43 9.46
N LEU B 68 4.15 23.74 9.92
CA LEU B 68 2.77 24.11 9.66
C LEU B 68 2.08 24.55 10.94
N GLU B 69 1.09 25.42 10.81
CA GLU B 69 0.34 25.93 11.95
C GLU B 69 -1.13 25.58 11.90
N ASN B 70 -1.81 25.81 10.77
CA ASN B 70 -3.24 25.53 10.67
C ASN B 70 -3.60 24.95 9.32
N TYR B 71 -2.66 24.29 8.64
CA TYR B 71 -2.82 23.92 7.24
C TYR B 71 -3.50 22.54 7.18
N LYS B 72 -4.84 22.56 7.10
CA LYS B 72 -5.64 21.37 6.82
C LYS B 72 -5.46 20.24 7.83
N GLY B 73 -5.93 20.45 9.06
CA GLY B 73 -5.95 19.39 10.06
C GLY B 73 -4.80 19.42 11.04
N PHE B 74 -3.57 19.54 10.54
CA PHE B 74 -2.44 19.75 11.42
C PHE B 74 -2.55 21.09 12.14
N GLU B 75 -2.38 21.06 13.46
CA GLU B 75 -2.38 22.28 14.26
C GLU B 75 -0.96 22.65 14.68
N SER B 76 -0.02 21.73 14.58
CA SER B 76 1.40 22.02 14.79
C SER B 76 2.23 20.85 14.27
N LEU B 77 3.23 21.15 13.44
CA LEU B 77 4.10 20.10 12.92
C LEU B 77 5.43 20.69 12.47
N ILE B 78 6.53 20.20 13.04
CA ILE B 78 7.83 20.85 12.90
C ILE B 78 8.81 19.84 12.32
N MET B 79 8.35 18.99 11.41
CA MET B 79 9.21 17.93 10.89
C MET B 79 10.47 18.51 10.24
N ASP B 80 11.51 17.69 10.19
CA ASP B 80 12.74 17.99 9.49
C ASP B 80 13.13 16.81 8.63
N PHE B 81 13.93 17.10 7.60
CA PHE B 81 14.36 16.09 6.64
C PHE B 81 15.87 15.87 6.74
N SER B 82 16.30 14.67 6.39
CA SER B 82 17.70 14.30 6.50
C SER B 82 18.50 14.83 5.30
N MET B 83 19.81 14.86 5.47
CA MET B 83 20.73 15.28 4.42
C MET B 83 21.76 14.22 4.05
N LYS B 84 21.84 13.12 4.79
CA LYS B 84 22.76 12.03 4.48
C LYS B 84 22.13 10.98 3.57
N LYS B 85 20.85 11.12 3.24
CA LYS B 85 20.18 10.16 2.37
C LYS B 85 19.09 10.89 1.60
N ASN B 86 18.82 10.42 0.38
CA ASN B 86 17.99 11.13 -0.59
C ASN B 86 16.64 10.46 -0.79
N SER B 87 16.04 9.96 0.28
CA SER B 87 14.71 9.35 0.20
C SER B 87 14.06 9.40 1.57
N THR B 88 12.96 10.12 1.68
CA THR B 88 12.17 10.20 2.92
C THR B 88 10.74 9.80 2.60
N ILE B 89 10.30 8.70 3.20
CA ILE B 89 8.98 8.13 2.93
C ILE B 89 8.05 8.51 4.07
N LEU B 90 6.87 9.02 3.73
CA LEU B 90 5.84 9.37 4.70
C LEU B 90 4.79 8.27 4.72
N VAL B 91 4.54 7.72 5.90
CA VAL B 91 3.63 6.60 6.08
C VAL B 91 2.58 6.99 7.10
N GLY B 92 1.33 6.60 6.84
CA GLY B 92 0.26 6.87 7.78
C GLY B 92 -1.04 6.29 7.29
N ASN B 93 -2.08 6.48 8.10
CA ASN B 93 -3.40 6.02 7.74
C ASN B 93 -3.98 6.89 6.63
N ASN B 94 -5.08 6.41 6.03
CA ASN B 94 -5.71 7.13 4.93
C ASN B 94 -6.30 8.44 5.45
N GLY B 95 -5.67 9.55 5.08
CA GLY B 95 -6.17 10.86 5.42
C GLY B 95 -5.55 11.54 6.62
N CYS B 96 -4.36 11.12 7.06
CA CYS B 96 -3.77 11.76 8.23
C CYS B 96 -3.03 13.04 7.87
N GLY B 97 -1.90 12.92 7.18
CA GLY B 97 -1.16 14.12 6.79
C GLY B 97 -0.30 14.06 5.54
N LYS B 98 -0.33 12.96 4.79
CA LYS B 98 0.71 12.74 3.78
C LYS B 98 0.56 13.70 2.61
N SER B 99 -0.65 13.82 2.06
CA SER B 99 -0.84 14.72 0.91
C SER B 99 -0.77 16.19 1.33
N THR B 100 -1.24 16.50 2.54
CA THR B 100 -1.21 17.88 3.01
C THR B 100 0.22 18.39 3.12
N ILE B 101 1.12 17.56 3.64
CA ILE B 101 2.52 17.96 3.78
C ILE B 101 3.15 18.19 2.40
N LEU B 102 2.87 17.29 1.47
CA LEU B 102 3.41 17.42 0.12
C LEU B 102 2.89 18.69 -0.56
N ASP B 103 1.61 19.02 -0.35
CA ASP B 103 1.07 20.26 -0.89
C ASP B 103 1.72 21.48 -0.25
N ALA B 104 1.97 21.43 1.05
CA ALA B 104 2.65 22.52 1.73
C ALA B 104 4.04 22.75 1.15
N ILE B 105 4.78 21.66 0.91
CA ILE B 105 6.09 21.79 0.27
C ILE B 105 5.93 22.30 -1.16
N GLN B 106 4.89 21.86 -1.86
CA GLN B 106 4.67 22.25 -3.25
C GLN B 106 4.47 23.75 -3.38
N LYS B 107 3.77 24.36 -2.43
CA LYS B 107 3.57 25.81 -2.49
C LYS B 107 4.91 26.54 -2.45
N GLY B 108 5.81 26.13 -1.56
CA GLY B 108 7.12 26.73 -1.51
C GLY B 108 7.93 26.49 -2.77
N LEU B 109 7.83 25.28 -3.33
CA LEU B 109 8.52 25.01 -4.58
C LEU B 109 7.98 25.87 -5.72
N THR B 110 6.68 26.17 -5.73
CA THR B 110 6.15 27.10 -6.73
C THR B 110 6.73 28.50 -6.53
N HIS B 111 6.77 28.95 -5.27
CA HIS B 111 7.33 30.27 -5.01
C HIS B 111 8.82 30.36 -5.32
N LEU B 112 9.53 29.22 -5.27
CA LEU B 112 10.94 29.21 -5.67
C LEU B 112 11.13 29.06 -7.17
N SER B 113 10.24 28.32 -7.84
CA SER B 113 10.33 28.18 -9.29
C SER B 113 9.99 29.49 -9.99
N SER B 114 9.13 30.31 -9.39
CA SER B 114 8.86 31.62 -9.97
C SER B 114 10.06 32.55 -9.89
N ARG B 115 11.08 32.24 -9.09
CA ARG B 115 12.23 33.10 -8.93
C ARG B 115 13.53 32.51 -9.47
N LEU B 116 13.62 31.19 -9.64
CA LEU B 116 14.81 30.64 -10.27
C LEU B 116 14.80 30.89 -11.77
N SER B 117 13.81 30.34 -12.47
CA SER B 117 13.73 30.47 -13.92
C SER B 117 12.43 31.09 -14.39
N THR B 118 11.28 30.56 -13.96
CA THR B 118 10.00 30.89 -14.57
C THR B 118 9.58 32.30 -14.18
N ARG B 119 9.78 33.23 -15.11
CA ARG B 119 9.24 34.60 -15.02
C ARG B 119 9.79 35.28 -13.77
N SER B 120 8.95 35.85 -12.92
CA SER B 120 9.40 36.65 -11.78
C SER B 120 8.51 36.33 -10.58
N HIS B 121 8.55 37.19 -9.56
CA HIS B 121 7.85 36.95 -8.31
C HIS B 121 6.37 36.65 -8.53
N ASN B 122 5.96 35.46 -8.12
CA ASN B 122 4.59 34.97 -8.24
C ASN B 122 4.54 33.65 -7.47
N GLY B 123 3.32 33.22 -7.16
CA GLY B 123 3.16 31.95 -6.46
C GLY B 123 1.71 31.73 -6.04
N ASP B 124 1.54 30.78 -5.13
CA ASP B 124 0.23 30.42 -4.62
C ASP B 124 0.23 30.52 -3.10
N GLY B 125 -0.90 30.95 -2.54
CA GLY B 125 -1.07 31.10 -1.12
C GLY B 125 -2.06 30.10 -0.56
N ILE B 126 -2.29 30.22 0.75
CA ILE B 126 -3.19 29.33 1.47
C ILE B 126 -4.61 29.80 1.21
N GLU B 127 -5.41 28.98 0.53
CA GLU B 127 -6.79 29.31 0.29
C GLU B 127 -7.63 29.11 1.55
N LYS B 128 -8.86 29.62 1.51
CA LYS B 128 -9.73 29.55 2.69
C LYS B 128 -10.05 28.11 3.05
N HIS B 129 -10.26 27.26 2.04
CA HIS B 129 -10.51 25.85 2.30
C HIS B 129 -9.28 25.10 2.78
N GLU B 130 -8.10 25.71 2.72
CA GLU B 130 -6.87 25.10 3.20
C GLU B 130 -6.52 25.49 4.63
N LEU B 131 -7.36 26.27 5.29
CA LEU B 131 -7.16 26.69 6.67
C LEU B 131 -8.05 25.84 7.58
N ARG B 132 -7.49 25.33 8.67
CA ARG B 132 -8.22 24.36 9.47
C ARG B 132 -9.48 24.99 10.05
N LYS B 133 -10.54 24.19 10.13
CA LYS B 133 -11.85 24.71 10.51
C LYS B 133 -11.80 25.34 11.90
N GLY B 134 -12.50 26.47 12.04
CA GLY B 134 -12.61 27.12 13.33
C GLY B 134 -11.40 27.91 13.77
N GLN B 135 -10.53 28.31 12.85
CA GLN B 135 -9.35 29.10 13.18
C GLN B 135 -9.36 30.40 12.36
N ASN B 136 -8.36 31.23 12.62
CA ASN B 136 -8.29 32.55 12.02
C ASN B 136 -6.94 32.87 11.37
N TYR B 137 -5.98 31.95 11.42
CA TYR B 137 -4.68 32.18 10.79
C TYR B 137 -4.16 30.86 10.27
N ALA B 138 -3.19 30.94 9.36
CA ALA B 138 -2.55 29.76 8.80
C ALA B 138 -1.16 30.13 8.31
N SER B 139 -0.25 29.17 8.36
CA SER B 139 1.13 29.42 7.99
C SER B 139 1.77 28.14 7.45
N ILE B 140 2.62 28.31 6.44
CA ILE B 140 3.43 27.23 5.87
C ILE B 140 4.85 27.75 5.82
N ALA B 141 5.65 27.42 6.82
CA ALA B 141 7.04 27.87 6.91
C ALA B 141 7.95 26.77 6.39
N ILE B 142 8.72 27.08 5.36
CA ILE B 142 9.64 26.13 4.73
C ILE B 142 11.03 26.74 4.73
N ASN B 143 12.02 25.97 5.15
CA ASN B 143 13.41 26.39 5.16
C ASN B 143 14.20 25.54 4.18
N TYR B 144 14.90 26.19 3.27
CA TYR B 144 15.67 25.52 2.23
C TYR B 144 17.15 25.49 2.57
N ASP B 145 17.86 24.58 1.91
CA ASP B 145 19.30 24.43 2.10
C ASP B 145 19.97 24.25 0.74
N TYR B 146 21.12 24.89 0.57
CA TYR B 146 21.88 24.76 -0.66
C TYR B 146 23.35 25.02 -0.36
N MET B 147 24.19 24.00 -0.55
CA MET B 147 25.64 24.09 -0.37
C MET B 147 25.98 24.34 1.10
N GLY B 148 24.98 24.33 1.97
CA GLY B 148 25.18 24.56 3.38
C GLY B 148 24.65 25.87 3.92
N ILE B 149 23.65 26.47 3.27
CA ILE B 149 23.11 27.77 3.65
C ILE B 149 21.61 27.62 3.81
N ARG B 150 21.07 28.14 4.91
CA ARG B 150 19.67 27.98 5.26
C ARG B 150 18.89 29.22 4.82
N PHE B 151 18.06 29.08 3.78
CA PHE B 151 17.25 30.18 3.29
C PHE B 151 15.82 30.00 3.80
N PRO B 152 15.32 30.88 4.65
CA PRO B 152 13.95 30.73 5.18
C PRO B 152 12.91 31.18 4.18
N MET B 153 11.65 30.87 4.50
CA MET B 153 10.49 31.29 3.74
C MET B 153 9.24 31.04 4.56
N ILE B 154 8.32 32.00 4.55
CA ILE B 154 7.06 31.89 5.28
C ILE B 154 5.92 32.32 4.36
N ILE B 155 4.87 31.50 4.29
CA ILE B 155 3.62 31.86 3.65
C ILE B 155 2.55 31.97 4.72
N ALA B 156 1.83 33.08 4.73
CA ALA B 156 0.84 33.36 5.77
C ALA B 156 -0.50 33.68 5.16
N THR B 157 -1.56 33.44 5.92
CA THR B 157 -2.92 33.76 5.52
C THR B 157 -3.74 34.02 6.78
N THR B 158 -4.29 35.23 6.89
CA THR B 158 -5.03 35.65 8.08
C THR B 158 -6.41 36.11 7.68
N GLU B 159 -7.43 35.62 8.37
CA GLU B 159 -8.79 36.07 8.15
C GLU B 159 -8.96 37.48 8.72
N PRO B 160 -9.98 38.22 8.24
CA PRO B 160 -10.14 39.61 8.65
C PRO B 160 -10.28 39.75 10.17
N GLY B 161 -9.69 40.82 10.70
CA GLY B 161 -9.69 41.06 12.13
C GLY B 161 -8.53 40.46 12.89
N TYR B 162 -7.71 39.63 12.23
CA TYR B 162 -6.58 38.97 12.86
C TYR B 162 -5.33 39.09 11.99
N GLU B 163 -5.16 40.25 11.36
CA GLU B 163 -4.01 40.45 10.48
C GLU B 163 -2.79 40.88 11.30
N ASP B 164 -2.47 40.13 12.36
CA ASP B 164 -1.32 40.43 13.18
C ASP B 164 -0.58 39.18 13.67
N ARG B 165 -1.00 37.98 13.27
CA ARG B 165 -0.39 36.76 13.76
C ARG B 165 0.81 36.31 12.92
N ALA B 166 0.74 36.49 11.60
CA ALA B 166 1.82 36.09 10.73
C ALA B 166 1.76 36.90 9.45
N LYS B 167 2.94 37.28 8.95
CA LYS B 167 3.06 38.03 7.70
C LYS B 167 3.95 37.23 6.75
N SER B 168 3.52 37.08 5.51
CA SER B 168 4.24 36.28 4.53
C SER B 168 5.58 36.93 4.21
N ASN B 169 6.66 36.27 4.58
CA ASN B 169 8.02 36.76 4.34
C ASN B 169 8.73 35.82 3.37
N TYR B 170 9.34 36.39 2.35
CA TYR B 170 10.01 35.60 1.31
C TYR B 170 11.48 35.97 1.25
N SER B 171 12.12 36.05 2.41
CA SER B 171 13.47 36.60 2.52
C SER B 171 14.58 35.59 2.31
N GLY B 172 14.27 34.40 1.81
CA GLY B 172 15.33 33.50 1.37
C GLY B 172 15.25 33.13 -0.10
N ILE B 173 14.03 32.98 -0.61
CA ILE B 173 13.86 32.58 -2.00
C ILE B 173 14.25 33.72 -2.94
N ASN B 174 14.00 34.97 -2.55
CA ASN B 174 14.39 36.11 -3.37
C ASN B 174 15.91 36.13 -3.56
N GLU B 175 16.65 35.93 -2.48
CA GLU B 175 18.11 35.95 -2.57
C GLU B 175 18.63 34.71 -3.30
N LEU B 176 17.98 33.55 -3.12
CA LEU B 176 18.41 32.38 -3.88
C LEU B 176 18.22 32.59 -5.38
N GLY B 177 17.08 33.15 -5.76
CA GLY B 177 16.86 33.49 -7.16
C GLY B 177 17.81 34.56 -7.66
N SER B 178 18.19 35.50 -6.79
CA SER B 178 19.19 36.50 -7.17
C SER B 178 20.53 35.85 -7.48
N ILE B 179 20.96 34.92 -6.62
CA ILE B 179 22.22 34.20 -6.87
C ILE B 179 22.13 33.43 -8.18
N PHE B 180 20.99 32.77 -8.42
CA PHE B 180 20.88 31.97 -9.65
C PHE B 180 20.82 32.83 -10.90
N LYS B 181 20.15 33.98 -10.84
CA LYS B 181 20.15 34.85 -12.02
C LYS B 181 21.53 35.44 -12.26
N THR B 182 22.27 35.74 -11.18
CA THR B 182 23.63 36.20 -11.34
C THR B 182 24.51 35.13 -11.98
N ALA B 183 24.34 33.87 -11.57
CA ALA B 183 25.10 32.79 -12.18
C ALA B 183 24.74 32.63 -13.65
N HIS B 184 23.44 32.70 -13.97
CA HIS B 184 23.01 32.53 -15.35
C HIS B 184 23.52 33.66 -16.24
N SER B 185 23.57 34.89 -15.71
CA SER B 185 24.09 36.01 -16.49
C SER B 185 25.57 35.83 -16.81
N ILE B 186 26.36 35.44 -15.82
CA ILE B 186 27.80 35.27 -16.02
C ILE B 186 28.07 34.13 -16.98
N ASN B 187 27.46 32.97 -16.74
CA ASN B 187 27.69 31.77 -17.54
C ASN B 187 26.36 31.20 -18.01
N PRO B 188 26.05 31.28 -19.32
CA PRO B 188 24.84 30.63 -19.82
C PRO B 188 24.81 29.13 -19.58
N ASN B 189 25.98 28.48 -19.57
CA ASN B 189 26.07 27.04 -19.37
C ASN B 189 26.26 26.77 -17.89
N VAL B 190 25.16 26.47 -17.19
CA VAL B 190 25.22 26.15 -15.77
C VAL B 190 23.96 25.36 -15.42
N SER B 191 24.11 24.39 -14.52
CA SER B 191 22.98 23.57 -14.10
C SER B 191 22.06 24.35 -13.18
N PHE B 192 20.78 23.97 -13.18
CA PHE B 192 19.78 24.53 -12.31
C PHE B 192 19.00 23.42 -11.62
N PRO B 193 18.48 23.68 -10.42
CA PRO B 193 17.80 22.64 -9.64
C PRO B 193 16.46 22.26 -10.25
N LEU B 194 16.30 20.98 -10.57
CA LEU B 194 15.02 20.49 -11.05
C LEU B 194 13.99 20.55 -9.94
N ILE B 195 12.79 21.03 -10.28
CA ILE B 195 11.68 21.15 -9.34
C ILE B 195 10.48 20.49 -10.00
N ALA B 196 10.04 19.36 -9.46
CA ALA B 196 8.97 18.59 -10.06
C ALA B 196 8.00 18.11 -9.00
N MET B 197 6.72 18.05 -9.37
CA MET B 197 5.65 17.52 -8.53
C MET B 197 4.90 16.45 -9.30
N TYR B 198 4.70 15.30 -8.68
CA TYR B 198 3.95 14.21 -9.28
C TYR B 198 2.89 13.74 -8.30
N THR B 199 1.65 13.69 -8.76
CA THR B 199 0.50 13.28 -7.97
C THR B 199 0.02 11.92 -8.43
N VAL B 200 -1.14 11.50 -7.91
CA VAL B 200 -1.76 10.25 -8.34
C VAL B 200 -2.22 10.35 -9.79
N GLU B 201 -2.02 11.52 -10.41
CA GLU B 201 -2.48 11.79 -11.75
C GLU B 201 -1.33 11.81 -12.77
N ARG B 202 -0.30 10.98 -12.56
CA ARG B 202 0.87 11.01 -13.42
C ARG B 202 0.56 10.50 -14.82
N ALA B 203 -0.09 9.34 -14.92
CA ALA B 203 -0.23 8.61 -16.18
C ALA B 203 -1.58 8.83 -16.85
N ASN B 204 -2.15 10.03 -16.74
CA ASN B 204 -3.43 10.32 -17.38
C ASN B 204 -3.31 10.93 -18.77
N ASP B 205 -2.09 11.24 -19.21
CA ASP B 205 -1.89 11.86 -20.52
C ASP B 205 -0.77 11.16 -21.29
N VAL B 206 -0.54 9.89 -20.99
CA VAL B 206 0.40 9.09 -21.76
C VAL B 206 -0.34 8.40 -22.90
N SER B 207 -0.52 9.12 -24.00
CA SER B 207 -1.26 8.63 -25.15
C SER B 207 -0.87 9.45 -26.38
N THR B 208 -0.39 8.75 -27.41
CA THR B 208 -0.02 9.39 -28.67
C THR B 208 -1.17 9.32 -29.68
N ARG B 209 -2.30 9.90 -29.28
CA ARG B 209 -3.49 9.97 -30.12
C ARG B 209 -3.72 11.41 -30.55
N ASP B 210 -3.86 11.61 -31.86
CA ASP B 210 -4.08 12.94 -32.45
C ASP B 210 -3.00 13.93 -32.01
N ILE B 211 -1.76 13.44 -31.95
CA ILE B 211 -0.66 14.29 -31.52
C ILE B 211 -0.39 15.40 -32.54
N GLU B 212 -0.46 15.07 -33.83
CA GLU B 212 -0.19 16.07 -34.86
C GLU B 212 -1.24 17.18 -34.84
N ASN B 213 -2.51 16.82 -34.65
CA ASN B 213 -3.59 17.81 -34.65
C ASN B 213 -3.49 18.71 -33.42
N SER B 214 -3.26 18.13 -32.25
CA SER B 214 -3.28 18.88 -31.01
C SER B 214 -2.01 19.71 -30.86
N GLU B 215 -1.96 20.48 -29.78
CA GLU B 215 -0.81 21.34 -29.51
C GLU B 215 0.41 20.47 -29.16
N GLU B 216 1.57 21.13 -29.06
CA GLU B 216 2.90 20.57 -28.84
C GLU B 216 3.46 19.97 -30.13
N ILE B 217 2.67 19.87 -31.19
CA ILE B 217 3.16 19.59 -32.53
C ILE B 217 2.86 20.74 -33.49
N LYS B 218 1.65 21.31 -33.39
CA LYS B 218 1.25 22.41 -34.26
C LYS B 218 1.94 23.72 -33.88
N GLU B 219 2.53 23.81 -32.70
CA GLU B 219 3.16 25.02 -32.22
C GLU B 219 4.67 24.84 -32.13
N ALA B 220 5.40 25.87 -32.54
CA ALA B 220 6.85 25.83 -32.45
C ALA B 220 7.28 25.92 -30.99
N GLN B 221 8.12 24.99 -30.57
CA GLN B 221 8.58 24.90 -29.19
C GLN B 221 10.08 25.20 -29.12
N ILE B 222 10.47 25.99 -28.12
CA ILE B 222 11.86 26.33 -27.90
C ILE B 222 12.36 25.54 -26.69
N TRP B 223 13.43 24.76 -26.89
CA TRP B 223 14.00 23.95 -25.82
C TRP B 223 15.20 24.67 -25.19
N ASP B 224 14.90 25.84 -24.61
CA ASP B 224 15.92 26.57 -23.86
C ASP B 224 16.20 25.85 -22.55
N LYS B 225 17.29 26.25 -21.89
CA LYS B 225 17.54 25.77 -20.55
C LYS B 225 16.42 26.16 -19.60
N PHE B 226 15.95 27.40 -19.71
CA PHE B 226 14.73 27.81 -19.02
C PHE B 226 13.52 27.16 -19.68
N LYS B 227 12.34 27.40 -19.11
CA LYS B 227 11.08 26.88 -19.64
C LYS B 227 11.01 25.36 -19.46
N ALA B 228 12.10 24.75 -19.01
CA ALA B 228 12.08 23.34 -18.63
C ALA B 228 11.31 23.11 -17.34
N TYR B 229 10.99 24.18 -16.62
CA TYR B 229 10.23 24.12 -15.39
C TYR B 229 8.73 24.31 -15.62
N ASN B 230 8.33 24.47 -16.87
CA ASN B 230 6.93 24.71 -17.19
C ASN B 230 6.09 23.48 -16.91
N LYS B 231 4.98 23.68 -16.20
CA LYS B 231 4.04 22.61 -15.85
C LYS B 231 4.74 21.47 -15.13
N SER B 232 5.68 21.81 -14.26
CA SER B 232 6.38 20.80 -13.47
C SER B 232 5.72 20.57 -12.12
N LEU B 233 5.27 21.63 -11.46
CA LEU B 233 4.53 21.53 -10.21
C LEU B 233 3.02 21.57 -10.48
N THR B 234 2.57 20.63 -11.30
CA THR B 234 1.18 20.55 -11.70
C THR B 234 0.60 19.15 -11.62
N GLY B 235 1.38 18.15 -11.22
CA GLY B 235 0.88 16.78 -11.24
C GLY B 235 1.24 16.05 -12.51
N LYS B 236 0.31 16.07 -13.47
CA LYS B 236 0.47 15.34 -14.73
C LYS B 236 1.85 15.56 -15.34
N ALA B 237 2.37 14.50 -15.95
CA ALA B 237 3.67 14.54 -16.62
C ALA B 237 3.46 14.77 -18.11
N ASP B 238 4.28 15.65 -18.68
CA ASP B 238 4.14 16.04 -20.08
C ASP B 238 4.79 14.97 -20.97
N PHE B 239 4.04 13.89 -21.18
CA PHE B 239 4.51 12.84 -22.09
C PHE B 239 4.38 13.27 -23.55
N LYS B 240 3.44 14.16 -23.85
CA LYS B 240 3.26 14.61 -25.22
C LYS B 240 4.37 15.57 -25.64
N LEU B 241 4.79 16.44 -24.71
CA LEU B 241 5.99 17.23 -24.94
C LEU B 241 7.22 16.34 -25.07
N PHE B 242 7.25 15.22 -24.33
CA PHE B 242 8.33 14.26 -24.51
C PHE B 242 8.29 13.63 -25.88
N PHE B 243 7.09 13.37 -26.42
CA PHE B 243 6.98 12.84 -27.77
C PHE B 243 7.52 13.84 -28.80
N ARG B 244 7.17 15.12 -28.62
CA ARG B 244 7.74 16.16 -29.47
C ARG B 244 9.27 16.20 -29.36
N TRP B 245 9.79 16.10 -28.14
CA TRP B 245 11.23 16.10 -27.93
C TRP B 245 11.88 14.90 -28.61
N PHE B 246 11.21 13.74 -28.53
CA PHE B 246 11.73 12.52 -29.14
C PHE B 246 11.73 12.63 -30.66
N LYS B 247 10.71 13.28 -31.23
CA LYS B 247 10.64 13.38 -32.69
C LYS B 247 11.64 14.40 -33.23
N GLU B 248 11.77 15.56 -32.55
CA GLU B 248 12.74 16.60 -32.91
C GLU B 248 14.09 16.18 -32.36
N LEU B 249 14.47 14.98 -32.76
CA LEU B 249 15.63 14.18 -32.38
C LEU B 249 15.20 12.87 -33.02
N ILE B 250 16.08 11.92 -33.29
CA ILE B 250 15.68 10.86 -34.22
C ILE B 250 15.39 11.46 -35.60
N GLU B 251 14.43 12.38 -35.75
CA GLU B 251 14.27 12.95 -37.09
C GLU B 251 15.39 13.95 -37.39
N ILE B 252 16.16 14.33 -36.37
CA ILE B 252 17.25 15.29 -36.54
C ILE B 252 18.58 14.55 -36.45
N GLU B 253 18.56 13.23 -36.70
CA GLU B 253 19.79 12.47 -36.73
C GLU B 253 20.64 12.79 -37.95
N ASN B 254 20.04 13.33 -39.01
CA ASN B 254 20.76 13.66 -40.23
C ASN B 254 21.61 14.91 -40.08
N VAL B 316 25.17 15.47 -29.68
CA VAL B 316 23.79 15.92 -29.55
C VAL B 316 22.92 15.21 -30.60
N ASN B 317 21.66 14.98 -30.24
CA ASN B 317 20.66 14.34 -31.09
C ASN B 317 20.91 12.85 -31.25
N SER B 318 22.06 12.38 -30.78
CA SER B 318 22.33 10.96 -30.65
C SER B 318 22.68 10.56 -29.22
N LYS B 319 23.63 11.27 -28.60
CA LYS B 319 24.07 10.89 -27.26
C LYS B 319 23.03 11.25 -26.20
N THR B 320 22.29 12.33 -26.41
CA THR B 320 21.21 12.67 -25.48
C THR B 320 20.16 11.56 -25.43
N LEU B 321 19.74 11.07 -26.61
CA LEU B 321 18.82 9.95 -26.60
C LEU B 321 19.47 8.67 -26.12
N HIS B 322 20.78 8.50 -26.33
CA HIS B 322 21.44 7.32 -25.78
C HIS B 322 21.34 7.32 -24.27
N THR B 323 21.66 8.44 -23.64
CA THR B 323 21.66 8.52 -22.18
C THR B 323 20.24 8.59 -21.60
N VAL B 324 19.23 8.92 -22.40
CA VAL B 324 17.84 8.82 -21.95
C VAL B 324 17.28 7.41 -22.15
N GLU B 325 17.66 6.76 -23.25
CA GLU B 325 17.18 5.41 -23.55
C GLU B 325 17.74 4.41 -22.56
N ASP B 326 19.05 4.47 -22.29
CA ASP B 326 19.62 3.56 -21.31
C ASP B 326 19.18 3.88 -19.88
N ALA B 327 18.63 5.08 -19.65
CA ALA B 327 18.05 5.37 -18.34
C ALA B 327 16.63 4.83 -18.23
N MET B 328 15.86 4.89 -19.30
CA MET B 328 14.51 4.34 -19.29
C MET B 328 14.53 2.82 -19.33
N TYR B 329 15.55 2.23 -19.96
CA TYR B 329 15.63 0.77 -20.04
C TYR B 329 16.05 0.13 -18.73
N SER B 330 16.68 0.89 -17.84
CA SER B 330 17.08 0.34 -16.55
C SER B 330 15.87 0.04 -15.67
N PHE B 331 14.78 0.78 -15.86
CA PHE B 331 13.57 0.57 -15.06
C PHE B 331 12.67 -0.50 -15.64
N LEU B 332 12.70 -0.68 -16.96
CA LEU B 332 11.87 -1.68 -17.64
C LEU B 332 12.76 -2.84 -18.05
N PRO B 333 12.62 -4.02 -17.45
CA PRO B 333 13.63 -5.07 -17.62
C PRO B 333 13.85 -5.51 -19.07
N GLY B 334 12.80 -5.58 -19.87
CA GLY B 334 12.93 -6.18 -21.18
C GLY B 334 12.50 -5.33 -22.37
N PHE B 335 12.78 -4.04 -22.34
CA PHE B 335 12.47 -3.16 -23.46
C PHE B 335 13.75 -2.72 -24.15
N SER B 336 13.63 -2.44 -25.45
CA SER B 336 14.77 -1.99 -26.26
C SER B 336 14.23 -1.36 -27.53
N ASN B 337 15.13 -0.69 -28.25
CA ASN B 337 14.86 -0.16 -29.59
C ASN B 337 13.68 0.81 -29.60
N LEU B 338 13.88 1.93 -28.89
CA LEU B 338 12.93 3.03 -28.93
C LEU B 338 13.04 3.74 -30.27
N LYS B 339 12.07 3.52 -31.16
CA LYS B 339 12.10 4.05 -32.50
C LYS B 339 10.79 4.75 -32.85
N LEU B 340 10.90 5.87 -33.55
CA LEU B 340 9.76 6.65 -33.98
C LEU B 340 9.09 5.99 -35.18
N GLN B 341 7.81 6.32 -35.38
CA GLN B 341 7.01 5.79 -36.49
C GLN B 341 6.42 6.95 -37.28
N ARG B 342 6.84 7.09 -38.54
CA ARG B 342 6.26 8.10 -39.44
C ARG B 342 5.12 7.46 -40.21
N ALA B 343 3.94 7.57 -39.62
CA ALA B 343 2.68 6.91 -39.94
C ALA B 343 1.68 7.70 -39.10
N PRO B 344 0.38 7.36 -39.04
CA PRO B 344 -0.43 7.93 -37.96
C PRO B 344 0.35 7.83 -36.65
N LEU B 345 0.75 8.99 -36.13
CA LEU B 345 1.93 9.06 -35.27
C LEU B 345 1.75 8.29 -33.98
N ASP B 346 2.81 7.57 -33.59
CA ASP B 346 2.82 6.76 -32.39
C ASP B 346 4.27 6.33 -32.14
N LEU B 347 4.56 6.00 -30.89
CA LEU B 347 5.90 5.56 -30.49
C LEU B 347 5.88 4.06 -30.27
N ILE B 348 6.92 3.39 -30.77
CA ILE B 348 6.98 1.93 -30.81
C ILE B 348 8.13 1.45 -29.93
N VAL B 349 7.82 0.55 -29.00
CA VAL B 349 8.83 -0.10 -28.16
C VAL B 349 8.92 -1.57 -28.57
N ASP B 350 9.95 -2.24 -28.07
CA ASP B 350 10.13 -3.67 -28.25
C ASP B 350 10.04 -4.37 -26.91
N LYS B 351 9.24 -5.43 -26.84
CA LYS B 351 9.06 -6.22 -25.63
C LYS B 351 9.37 -7.68 -25.97
N ASN B 352 10.64 -8.06 -25.79
CA ASN B 352 11.10 -9.42 -26.04
C ASN B 352 10.80 -9.85 -27.49
N ASN B 353 11.43 -9.13 -28.42
CA ASN B 353 11.33 -9.35 -29.86
C ASN B 353 9.94 -9.08 -30.41
N VAL B 354 9.06 -8.44 -29.64
CA VAL B 354 7.71 -8.10 -30.08
C VAL B 354 7.61 -6.58 -30.06
N SER B 355 7.52 -5.97 -31.25
CA SER B 355 7.43 -4.53 -31.36
C SER B 355 5.98 -4.09 -31.17
N LEU B 356 5.77 -3.14 -30.26
CA LEU B 356 4.43 -2.67 -29.94
C LEU B 356 4.51 -1.22 -29.47
N SER B 357 3.35 -0.58 -29.41
CA SER B 357 3.25 0.85 -29.19
C SER B 357 3.00 1.18 -27.73
N VAL B 358 3.01 2.48 -27.43
CA VAL B 358 2.77 2.95 -26.07
C VAL B 358 1.32 2.68 -25.67
N LEU B 359 0.38 2.86 -26.60
CA LEU B 359 -1.01 2.51 -26.33
C LEU B 359 -1.18 1.04 -26.02
N GLN B 360 -0.28 0.19 -26.50
CA GLN B 360 -0.34 -1.25 -26.29
C GLN B 360 0.45 -1.70 -25.07
N LEU B 361 1.10 -0.78 -24.35
CA LEU B 361 1.78 -1.10 -23.11
C LEU B 361 0.78 -1.27 -21.98
N SER B 362 1.29 -1.54 -20.79
CA SER B 362 0.48 -1.68 -19.59
C SER B 362 0.48 -0.38 -18.79
N GLN B 363 -0.56 -0.22 -17.98
CA GLN B 363 -0.65 0.95 -17.11
C GLN B 363 0.52 1.00 -16.13
N GLY B 364 0.87 -0.15 -15.56
CA GLY B 364 2.00 -0.20 -14.65
C GLY B 364 3.32 0.15 -15.33
N GLU B 365 3.46 -0.18 -16.60
CA GLU B 365 4.64 0.21 -17.35
C GLU B 365 4.54 1.61 -17.93
N LYS B 366 3.32 2.03 -18.30
CA LYS B 366 3.14 3.39 -18.82
C LYS B 366 3.45 4.42 -17.74
N THR B 367 3.07 4.15 -16.50
CA THR B 367 3.37 5.08 -15.41
C THR B 367 4.88 5.23 -15.21
N ILE B 368 5.59 4.10 -15.18
CA ILE B 368 7.04 4.15 -14.99
C ILE B 368 7.76 4.66 -16.22
N LEU B 369 7.11 4.64 -17.39
CA LEU B 369 7.71 5.31 -18.54
C LEU B 369 7.55 6.82 -18.43
N ALA B 370 6.32 7.28 -18.14
CA ALA B 370 6.04 8.71 -18.13
C ALA B 370 6.70 9.42 -16.96
N LEU B 371 6.88 8.73 -15.84
CA LEU B 371 7.47 9.37 -14.67
C LEU B 371 8.97 9.62 -14.84
N ILE B 372 9.69 8.65 -15.40
CA ILE B 372 11.14 8.78 -15.52
C ILE B 372 11.59 9.42 -16.84
N ALA B 373 10.84 9.23 -17.93
CA ALA B 373 11.19 9.93 -19.16
C ALA B 373 11.09 11.44 -18.98
N ASP B 374 10.07 11.89 -18.26
CA ASP B 374 9.91 13.33 -18.01
C ASP B 374 11.06 13.87 -17.17
N ILE B 375 11.46 13.15 -16.12
CA ILE B 375 12.57 13.61 -15.29
C ILE B 375 13.86 13.65 -16.10
N ALA B 376 14.09 12.63 -16.94
CA ALA B 376 15.28 12.63 -17.78
C ALA B 376 15.28 13.80 -18.74
N ARG B 377 14.12 14.08 -19.36
CA ARG B 377 14.04 15.20 -20.29
C ARG B 377 14.33 16.51 -19.60
N ARG B 378 13.74 16.74 -18.42
CA ARG B 378 13.98 17.98 -17.70
C ARG B 378 15.43 18.10 -17.29
N LEU B 379 16.05 17.00 -16.85
CA LEU B 379 17.44 17.05 -16.43
C LEU B 379 18.37 17.34 -17.60
N THR B 380 18.08 16.76 -18.77
CA THR B 380 18.87 17.08 -19.95
C THR B 380 18.68 18.53 -20.38
N LEU B 381 17.46 19.06 -20.23
CA LEU B 381 17.22 20.46 -20.58
C LEU B 381 17.96 21.41 -19.64
N LEU B 382 17.98 21.10 -18.34
CA LEU B 382 18.64 21.98 -17.38
C LEU B 382 20.15 21.84 -17.37
N ASN B 383 20.69 20.75 -17.93
CA ASN B 383 22.13 20.55 -17.96
C ASN B 383 22.64 20.84 -19.36
N PRO B 384 23.47 21.86 -19.56
CA PRO B 384 23.81 22.28 -20.93
C PRO B 384 24.72 21.34 -21.70
N ASN B 385 25.87 20.98 -21.13
CA ASN B 385 26.83 20.18 -21.86
C ASN B 385 27.52 19.14 -20.96
N SER B 386 26.93 18.83 -19.82
CA SER B 386 27.53 17.86 -18.92
C SER B 386 27.56 16.47 -19.55
N VAL B 387 28.60 15.70 -19.22
CA VAL B 387 28.73 14.35 -19.75
C VAL B 387 27.54 13.49 -19.32
N ASN B 388 27.17 13.58 -18.05
CA ASN B 388 25.98 12.90 -17.53
C ASN B 388 24.94 13.94 -17.20
N PRO B 389 23.91 14.14 -18.03
CA PRO B 389 22.92 15.19 -17.76
C PRO B 389 21.90 14.80 -16.71
N LEU B 390 21.85 13.54 -16.28
CA LEU B 390 20.87 13.09 -15.31
C LEU B 390 21.41 13.08 -13.88
N ASP B 391 22.47 13.83 -13.61
CA ASP B 391 23.04 13.97 -12.27
C ASP B 391 23.17 15.46 -11.97
N GLY B 392 22.08 16.06 -11.49
CA GLY B 392 22.08 17.46 -11.13
C GLY B 392 21.70 17.67 -9.68
N THR B 393 20.54 18.29 -9.46
CA THR B 393 19.96 18.40 -8.12
C THR B 393 18.47 18.64 -8.28
N GLY B 394 17.69 18.05 -7.37
CA GLY B 394 16.25 18.09 -7.53
C GLY B 394 15.51 17.87 -6.22
N ILE B 395 14.27 18.36 -6.19
CA ILE B 395 13.39 18.24 -5.04
C ILE B 395 12.11 17.52 -5.48
N VAL B 396 12.26 16.55 -6.39
CA VAL B 396 11.11 15.79 -6.90
C VAL B 396 10.28 15.26 -5.75
N LEU B 397 8.95 15.32 -5.90
CA LEU B 397 7.99 15.02 -4.85
C LEU B 397 6.96 14.01 -5.33
N ILE B 398 7.44 12.90 -5.88
CA ILE B 398 6.55 11.82 -6.34
C ILE B 398 5.62 11.43 -5.20
N ALA B 399 4.32 11.39 -5.50
CA ALA B 399 3.30 11.01 -4.52
C ALA B 399 2.72 9.66 -4.91
N ALA B 400 2.60 8.77 -3.92
CA ALA B 400 2.10 7.41 -4.11
C ALA B 400 2.95 6.66 -5.15
N ILE B 401 4.23 6.48 -4.80
CA ILE B 401 5.17 5.83 -5.71
C ILE B 401 4.84 4.37 -5.94
N ASP B 402 4.08 3.75 -5.03
CA ASP B 402 3.70 2.35 -5.17
C ASP B 402 2.50 2.15 -6.08
N LEU B 403 2.08 3.17 -6.83
CA LEU B 403 0.88 3.07 -7.64
C LEU B 403 1.12 2.16 -8.84
N HIS B 404 0.19 1.22 -9.04
CA HIS B 404 0.15 0.37 -10.22
C HIS B 404 1.42 -0.47 -10.38
N LEU B 405 2.06 -0.82 -9.27
CA LEU B 405 3.29 -1.62 -9.30
C LEU B 405 3.09 -2.93 -8.56
N HIS B 406 3.56 -4.01 -9.16
CA HIS B 406 3.60 -5.33 -8.54
C HIS B 406 4.59 -5.30 -7.38
N PRO B 407 4.36 -6.09 -6.30
CA PRO B 407 5.30 -6.06 -5.17
C PRO B 407 6.71 -6.50 -5.52
N SER B 408 6.94 -6.97 -6.75
CA SER B 408 8.29 -7.26 -7.22
C SER B 408 9.03 -6.04 -7.74
N TRP B 409 8.31 -5.05 -8.28
CA TRP B 409 8.90 -3.79 -8.70
C TRP B 409 8.94 -2.76 -7.60
N GLN B 410 8.09 -2.91 -6.59
CA GLN B 410 7.96 -2.08 -5.41
C GLN B 410 9.10 -2.25 -4.45
N GLN B 411 9.93 -3.26 -4.72
CA GLN B 411 11.14 -3.50 -3.96
C GLN B 411 12.39 -3.00 -4.66
N ASN B 412 12.25 -2.42 -5.84
CA ASN B 412 13.36 -1.79 -6.54
C ASN B 412 13.07 -0.38 -7.02
N ILE B 413 11.82 0.11 -6.90
CA ILE B 413 11.49 1.42 -7.43
C ILE B 413 12.35 2.52 -6.79
N ILE B 414 12.59 2.42 -5.49
CA ILE B 414 13.36 3.45 -4.78
C ILE B 414 14.86 3.27 -5.01
N PRO B 415 15.45 2.07 -4.79
CA PRO B 415 16.89 1.93 -5.04
C PRO B 415 17.30 2.19 -6.48
N ARG B 416 16.46 1.79 -7.45
CA ARG B 416 16.77 2.07 -8.84
C ARG B 416 16.73 3.57 -9.11
N LEU B 417 15.77 4.27 -8.51
CA LEU B 417 15.69 5.73 -8.67
C LEU B 417 16.91 6.41 -8.08
N GLU B 418 17.37 5.93 -6.92
CA GLU B 418 18.54 6.54 -6.29
C GLU B 418 19.82 6.21 -7.04
N LYS B 419 19.88 5.04 -7.68
CA LYS B 419 21.07 4.69 -8.44
C LYS B 419 21.13 5.42 -9.78
N THR B 420 19.97 5.61 -10.42
CA THR B 420 19.92 6.31 -11.70
C THR B 420 19.96 7.83 -11.49
N PHE B 421 18.98 8.37 -10.77
CA PHE B 421 18.94 9.78 -10.44
C PHE B 421 19.62 9.96 -9.08
N LYS B 422 20.95 9.93 -9.11
CA LYS B 422 21.73 9.93 -7.87
C LYS B 422 21.49 11.19 -7.05
N ASN B 423 21.86 12.34 -7.60
CA ASN B 423 21.82 13.60 -6.87
C ASN B 423 20.45 14.25 -6.93
N ILE B 424 19.40 13.49 -6.61
CA ILE B 424 18.03 13.98 -6.61
C ILE B 424 17.38 13.58 -5.30
N GLN B 425 16.66 14.51 -4.67
CA GLN B 425 15.95 14.25 -3.44
C GLN B 425 14.49 13.92 -3.75
N PHE B 426 14.00 12.81 -3.18
CA PHE B 426 12.62 12.39 -3.35
C PHE B 426 11.94 12.36 -1.98
N ILE B 427 10.81 13.06 -1.87
CA ILE B 427 9.96 12.98 -0.69
C ILE B 427 8.67 12.31 -1.10
N VAL B 428 8.59 11.00 -0.91
CA VAL B 428 7.52 10.19 -1.48
C VAL B 428 6.59 9.71 -0.39
N THR B 429 5.41 9.24 -0.81
CA THR B 429 4.41 8.68 0.07
C THR B 429 4.15 7.24 -0.34
N THR B 430 3.88 6.38 0.65
CA THR B 430 3.81 4.95 0.39
C THR B 430 2.75 4.31 1.28
N HIS B 431 1.94 3.44 0.68
CA HIS B 431 0.94 2.65 1.40
C HIS B 431 1.26 1.16 1.40
N SER B 432 2.49 0.78 1.09
CA SER B 432 2.85 -0.63 0.94
C SER B 432 4.13 -0.93 1.71
N PRO B 433 4.14 -1.95 2.56
CA PRO B 433 5.38 -2.30 3.28
C PRO B 433 6.51 -2.73 2.37
N GLN B 434 6.20 -3.16 1.16
CA GLN B 434 7.24 -3.63 0.24
C GLN B 434 8.20 -2.51 -0.12
N VAL B 435 7.67 -1.29 -0.34
CA VAL B 435 8.54 -0.15 -0.54
C VAL B 435 9.25 0.23 0.76
N CYS B 436 8.60 -0.01 1.90
CA CYS B 436 9.12 0.50 3.16
C CYS B 436 10.33 -0.29 3.64
N HIS B 437 10.33 -1.61 3.49
CA HIS B 437 11.37 -2.39 4.16
C HIS B 437 12.70 -2.36 3.42
N THR B 438 12.91 -1.41 2.52
CA THR B 438 14.20 -1.18 1.88
C THR B 438 14.84 0.13 2.29
N ILE B 439 14.23 0.87 3.20
CA ILE B 439 14.70 2.19 3.63
C ILE B 439 14.81 2.19 5.15
N ASP B 440 15.90 2.76 5.66
CA ASP B 440 16.16 2.78 7.09
C ASP B 440 15.03 3.47 7.85
N SER B 441 14.97 3.19 9.15
CA SER B 441 13.94 3.79 10.00
C SER B 441 14.11 5.30 10.07
N GLN B 442 15.35 5.78 10.08
CA GLN B 442 15.62 7.20 10.23
C GLN B 442 15.02 8.03 9.09
N ASN B 443 14.69 7.40 7.96
CA ASN B 443 14.17 8.09 6.79
C ASN B 443 12.69 7.82 6.56
N ILE B 444 11.98 7.33 7.57
CA ILE B 444 10.56 7.03 7.47
C ILE B 444 9.83 7.80 8.57
N TRP B 445 8.78 8.51 8.21
CA TRP B 445 7.98 9.29 9.14
C TRP B 445 6.56 8.72 9.21
N LEU B 446 6.06 8.55 10.42
CA LEU B 446 4.72 8.02 10.65
C LEU B 446 3.86 9.09 11.31
N LEU B 447 2.66 9.28 10.78
CA LEU B 447 1.74 10.33 11.24
C LEU B 447 0.47 9.66 11.72
N LYS B 448 0.34 9.50 13.04
CA LYS B 448 -0.74 8.68 13.58
C LYS B 448 -1.98 9.48 13.96
N ASN B 449 -1.87 10.44 14.88
CA ASN B 449 -3.06 11.15 15.32
C ASN B 449 -3.03 12.58 14.79
N GLY B 450 -2.01 13.32 15.17
CA GLY B 450 -1.66 14.57 14.55
C GLY B 450 -0.17 14.82 14.65
N GLN B 451 0.55 13.77 15.03
CA GLN B 451 1.91 13.89 15.51
C GLN B 451 2.85 13.01 14.70
N LYS B 452 4.10 13.46 14.60
CA LYS B 452 5.14 12.75 13.89
C LYS B 452 5.79 11.71 14.81
N PHE B 453 5.81 10.46 14.36
CA PHE B 453 6.49 9.38 15.07
C PHE B 453 7.49 8.72 14.13
N LYS B 454 8.73 8.57 14.61
CA LYS B 454 9.76 7.92 13.82
C LYS B 454 9.51 6.41 13.77
N ALA B 455 9.90 5.81 12.65
CA ALA B 455 9.66 4.39 12.45
C ALA B 455 10.48 3.55 13.43
N PRO B 456 10.01 2.35 13.77
CA PRO B 456 10.74 1.51 14.71
C PRO B 456 12.05 1.00 14.13
N LYS B 457 12.93 0.57 15.03
CA LYS B 457 14.26 0.14 14.65
C LYS B 457 14.22 -1.09 13.75
N GLY B 458 14.99 -1.06 12.66
CA GLY B 458 15.15 -2.23 11.82
C GLY B 458 14.10 -2.40 10.72
N VAL B 459 13.98 -1.42 9.83
CA VAL B 459 13.04 -1.52 8.71
C VAL B 459 13.83 -1.54 7.41
N ARG B 460 15.03 -2.10 7.45
CA ARG B 460 15.82 -2.34 6.23
C ARG B 460 16.32 -3.78 6.28
N GLY B 461 15.75 -4.63 5.44
CA GLY B 461 16.07 -6.05 5.49
C GLY B 461 15.20 -6.84 6.43
N ALA B 462 13.93 -6.47 6.57
CA ALA B 462 13.01 -7.14 7.48
C ALA B 462 11.84 -7.72 6.69
N ILE B 463 11.20 -8.73 7.28
CA ILE B 463 10.06 -9.35 6.61
C ILE B 463 8.93 -8.34 6.51
N SER B 464 8.09 -8.51 5.49
CA SER B 464 6.99 -7.56 5.26
C SER B 464 5.99 -7.59 6.40
N SER B 465 5.81 -8.74 7.04
CA SER B 465 4.82 -8.88 8.11
C SER B 465 5.23 -8.12 9.37
N TRP B 466 6.52 -8.15 9.73
CA TRP B 466 6.98 -7.38 10.87
C TRP B 466 6.78 -5.89 10.65
N VAL B 467 7.10 -5.40 9.44
CA VAL B 467 6.87 -4.00 9.11
C VAL B 467 5.38 -3.69 9.17
N LEU B 468 4.56 -4.62 8.67
CA LEU B 468 3.10 -4.40 8.68
C LEU B 468 2.58 -4.25 10.10
N GLU B 469 3.02 -5.10 11.02
CA GLU B 469 2.52 -5.00 12.39
C GLU B 469 3.10 -3.78 13.11
N ASN B 470 4.41 -3.56 13.01
CA ASN B 470 5.08 -2.59 13.87
C ASN B 470 5.19 -1.20 13.26
N LEU B 471 4.75 -1.00 12.03
CA LEU B 471 4.85 0.32 11.41
C LEU B 471 3.52 0.73 10.80
N PHE B 472 2.72 -0.26 10.41
CA PHE B 472 1.40 0.00 9.86
C PHE B 472 0.26 -0.35 10.82
N GLU B 473 0.58 -0.96 11.97
CA GLU B 473 -0.43 -1.39 12.94
C GLU B 473 -1.51 -2.25 12.29
N VAL B 474 -1.08 -3.16 11.41
CA VAL B 474 -1.97 -4.12 10.77
C VAL B 474 -1.46 -5.52 11.11
N ALA B 475 -2.36 -6.38 11.56
CA ALA B 475 -1.98 -7.72 12.00
C ALA B 475 -1.45 -8.54 10.84
N GLN B 476 -0.55 -9.48 11.16
CA GLN B 476 0.00 -10.37 10.15
C GLN B 476 -1.11 -11.19 9.49
N ARG B 477 -1.93 -11.82 10.29
CA ARG B 477 -3.08 -12.59 9.84
C ARG B 477 -4.31 -11.71 9.84
N PRO B 478 -5.33 -12.05 9.07
CA PRO B 478 -6.56 -11.25 9.10
C PRO B 478 -7.17 -11.27 10.48
N PRO B 479 -7.83 -10.18 10.89
CA PRO B 479 -8.40 -10.12 12.24
C PRO B 479 -9.83 -10.61 12.39
N GLU B 480 -10.59 -10.79 11.30
CA GLU B 480 -11.98 -11.23 11.41
C GLU B 480 -12.29 -12.45 10.55
N ASP B 481 -11.30 -13.27 10.24
CA ASP B 481 -11.54 -14.45 9.42
C ASP B 481 -11.90 -15.63 10.31
N LYS B 482 -12.66 -16.58 9.74
CA LYS B 482 -13.05 -17.76 10.50
C LYS B 482 -11.86 -18.67 10.77
N TYR B 483 -10.95 -18.78 9.81
CA TYR B 483 -9.80 -19.66 9.96
C TYR B 483 -8.67 -19.03 10.78
N THR B 484 -8.79 -17.74 11.11
CA THR B 484 -7.84 -17.09 12.00
C THR B 484 -8.35 -16.96 13.42
N LYS B 485 -9.67 -16.94 13.62
CA LYS B 485 -10.23 -16.99 14.96
C LYS B 485 -10.29 -18.41 15.50
N LEU B 486 -10.20 -19.41 14.62
CA LEU B 486 -10.06 -20.78 15.06
C LEU B 486 -8.64 -21.09 15.52
N LEU B 487 -7.65 -20.43 14.93
CA LEU B 487 -6.26 -20.67 15.29
C LEU B 487 -6.00 -20.28 16.74
N GLN B 488 -6.54 -19.15 17.19
CA GLN B 488 -6.29 -18.72 18.55
C GLN B 488 -7.00 -19.61 19.56
N GLU B 489 -8.21 -20.07 19.23
CA GLU B 489 -8.90 -21.02 20.10
C GLU B 489 -8.14 -22.34 20.18
N TYR B 490 -7.60 -22.80 19.04
CA TYR B 490 -6.75 -24.00 19.05
C TYR B 490 -5.53 -23.81 19.92
N LYS B 491 -4.88 -22.64 19.81
CA LYS B 491 -3.70 -22.37 20.64
C LYS B 491 -4.05 -22.36 22.12
N ASN B 492 -5.18 -21.73 22.48
CA ASN B 492 -5.60 -21.69 23.87
C ASN B 492 -5.88 -23.10 24.39
N LEU B 493 -6.55 -23.93 23.60
CA LEU B 493 -6.82 -25.30 24.03
C LEU B 493 -5.53 -26.10 24.15
N VAL B 494 -4.59 -25.89 23.23
CA VAL B 494 -3.33 -26.64 23.24
C VAL B 494 -2.53 -26.31 24.50
N PHE B 495 -2.40 -25.02 24.82
CA PHE B 495 -1.57 -24.61 25.93
C PHE B 495 -2.29 -24.66 27.27
N SER B 496 -3.57 -24.99 27.29
CA SER B 496 -4.29 -25.23 28.53
C SER B 496 -4.20 -26.72 28.88
N GLU B 497 -5.00 -27.14 29.85
CA GLU B 497 -5.04 -28.55 30.26
C GLU B 497 -5.98 -29.39 29.40
N LYS B 498 -6.66 -28.78 28.43
CA LYS B 498 -7.56 -29.51 27.55
C LYS B 498 -6.88 -29.95 26.25
N TYR B 499 -5.56 -30.12 26.26
CA TYR B 499 -4.87 -30.68 25.12
C TYR B 499 -5.27 -32.13 24.93
N ALA B 500 -5.17 -32.60 23.69
CA ALA B 500 -5.53 -33.98 23.33
C ALA B 500 -6.98 -34.30 23.71
N SER B 501 -7.85 -33.30 23.66
CA SER B 501 -9.28 -33.48 23.85
C SER B 501 -9.98 -33.53 22.50
N GLU B 502 -11.27 -33.87 22.53
CA GLU B 502 -12.01 -34.00 21.28
C GLU B 502 -12.15 -32.66 20.56
N ASP B 503 -12.33 -31.58 21.32
CA ASP B 503 -12.31 -30.26 20.70
C ASP B 503 -10.93 -29.94 20.12
N ALA B 504 -9.88 -30.24 20.89
CA ALA B 504 -8.52 -29.95 20.46
C ALA B 504 -8.10 -30.79 19.26
N ARG B 505 -8.77 -31.91 19.00
CA ARG B 505 -8.52 -32.66 17.78
C ARG B 505 -9.43 -32.26 16.63
N LYS B 506 -10.68 -31.88 16.90
CA LYS B 506 -11.55 -31.40 15.84
C LYS B 506 -11.01 -30.12 15.21
N LEU B 507 -10.70 -29.12 16.03
CA LEU B 507 -10.14 -27.89 15.48
C LEU B 507 -8.77 -28.12 14.87
N GLY B 508 -7.97 -29.01 15.46
CA GLY B 508 -6.68 -29.32 14.88
C GLY B 508 -6.80 -29.95 13.50
N ALA B 509 -7.75 -30.87 13.34
CA ALA B 509 -7.96 -31.48 12.03
C ALA B 509 -8.45 -30.45 11.02
N THR B 510 -9.37 -29.57 11.43
CA THR B 510 -9.84 -28.53 10.51
C THR B 510 -8.70 -27.64 10.06
N LEU B 511 -7.86 -27.20 11.00
CA LEU B 511 -6.75 -26.31 10.66
C LEU B 511 -5.72 -27.02 9.80
N SER B 512 -5.45 -28.30 10.08
CA SER B 512 -4.51 -29.06 9.27
C SER B 512 -5.03 -29.25 7.85
N GLN B 513 -6.34 -29.49 7.69
CA GLN B 513 -6.90 -29.57 6.35
C GLN B 513 -6.78 -28.25 5.61
N HIS B 514 -7.05 -27.14 6.31
CA HIS B 514 -7.02 -25.84 5.63
C HIS B 514 -5.59 -25.45 5.24
N PHE B 515 -4.65 -25.53 6.17
CA PHE B 515 -3.30 -25.04 5.95
C PHE B 515 -2.30 -26.12 5.54
N GLY B 516 -2.76 -27.37 5.40
CA GLY B 516 -1.86 -28.44 5.06
C GLY B 516 -1.06 -28.89 6.26
N PRO B 517 -0.59 -30.14 6.26
CA PRO B 517 0.19 -30.64 7.40
C PRO B 517 1.65 -30.26 7.30
N ASP B 518 1.92 -28.99 6.96
CA ASP B 518 3.29 -28.50 6.90
C ASP B 518 3.40 -27.06 7.38
N ASP B 519 2.33 -26.46 7.89
CA ASP B 519 2.36 -25.07 8.31
C ASP B 519 3.31 -24.90 9.49
N GLU B 520 3.96 -23.73 9.55
CA GLU B 520 5.02 -23.51 10.53
C GLU B 520 4.47 -23.43 11.95
N THR B 521 3.31 -22.79 12.13
CA THR B 521 2.73 -22.68 13.46
C THR B 521 2.12 -23.99 13.93
N LEU B 522 1.41 -24.68 13.03
CA LEU B 522 0.73 -25.91 13.41
C LEU B 522 1.71 -26.98 13.84
N VAL B 523 2.85 -27.08 13.17
CA VAL B 523 3.85 -28.08 13.57
C VAL B 523 4.40 -27.77 14.96
N GLU B 524 4.53 -26.48 15.29
CA GLU B 524 5.00 -26.13 16.64
C GLU B 524 3.96 -26.48 17.70
N LEU B 525 2.67 -26.28 17.39
CA LEU B 525 1.63 -26.73 18.30
C LEU B 525 1.65 -28.25 18.45
N LYS B 526 1.92 -28.96 17.36
CA LYS B 526 2.07 -30.41 17.44
C LYS B 526 3.25 -30.80 18.32
N LEU B 527 4.35 -30.04 18.25
CA LEU B 527 5.47 -30.30 19.15
C LEU B 527 5.06 -30.13 20.60
N GLU B 528 4.30 -29.07 20.90
CA GLU B 528 3.85 -28.86 22.28
C GLU B 528 2.96 -29.99 22.75
N ILE B 529 2.00 -30.41 21.93
CA ILE B 529 1.11 -31.49 22.36
C ILE B 529 1.87 -32.80 22.48
N GLU B 530 2.88 -33.02 21.64
CA GLU B 530 3.73 -34.20 21.77
C GLU B 530 4.47 -34.20 23.10
N LYS B 531 5.03 -33.04 23.49
CA LYS B 531 5.72 -32.97 24.77
C LYS B 531 4.76 -33.24 25.92
N ARG B 532 3.54 -32.69 25.86
CA ARG B 532 2.62 -32.89 26.97
C ARG B 532 2.16 -34.34 27.06
N ILE B 533 1.95 -34.98 25.91
CA ILE B 533 1.63 -36.41 25.91
C ILE B 533 2.77 -37.21 26.51
N TRP B 534 4.02 -36.86 26.15
CA TRP B 534 5.17 -37.52 26.75
C TRP B 534 5.19 -37.35 28.28
N GLU B 535 4.96 -36.12 28.74
CA GLU B 535 5.00 -35.81 30.16
C GLU B 535 3.91 -36.49 30.96
N ASP B 536 2.74 -36.70 30.37
CA ASP B 536 1.69 -37.43 31.08
C ASP B 536 1.76 -38.94 30.91
N ASP B 537 2.45 -39.43 29.87
CA ASP B 537 2.65 -40.87 29.74
C ASP B 537 3.76 -41.34 30.68
N PHE B 538 4.87 -40.60 30.76
CA PHE B 538 5.98 -40.98 31.64
C PHE B 538 5.84 -40.22 32.97
N GLU B 539 4.86 -40.65 33.76
CA GLU B 539 4.59 -40.02 35.04
C GLU B 539 3.79 -40.96 35.94
N GLN C 50 25.61 -10.00 36.01
CA GLN C 50 24.98 -9.15 35.02
C GLN C 50 26.00 -8.29 34.29
N MET C 51 27.18 -8.87 34.03
CA MET C 51 28.21 -8.14 33.28
C MET C 51 27.73 -7.80 31.88
N TYR C 52 27.10 -8.74 31.18
CA TYR C 52 26.49 -8.47 29.89
C TYR C 52 25.04 -8.95 29.98
N LEU C 53 24.21 -8.17 30.68
CA LEU C 53 22.81 -8.54 30.88
C LEU C 53 22.12 -7.39 31.61
N CYS C 54 20.97 -6.91 31.14
CA CYS C 54 20.36 -5.83 31.92
C CYS C 54 19.29 -6.41 32.86
N ALA C 55 18.95 -5.61 33.87
CA ALA C 55 18.18 -6.12 35.01
C ALA C 55 16.72 -6.39 34.62
N TYR C 56 16.07 -5.45 33.94
CA TYR C 56 14.64 -5.56 33.72
C TYR C 56 14.29 -6.69 32.75
N CYS C 57 14.76 -6.60 31.51
CA CYS C 57 14.67 -7.71 30.58
C CYS C 57 16.05 -8.33 30.45
N GLU C 58 16.11 -9.66 30.44
CA GLU C 58 17.40 -10.33 30.41
C GLU C 58 17.92 -10.55 28.99
N ILE C 59 18.12 -9.47 28.22
CA ILE C 59 18.73 -9.63 26.90
C ILE C 59 20.25 -9.45 27.00
N ASP C 60 20.94 -9.98 26.00
CA ASP C 60 22.40 -9.98 25.98
C ASP C 60 22.90 -8.65 25.42
N LEU C 61 23.55 -7.86 26.28
CA LEU C 61 24.15 -6.61 25.84
C LEU C 61 25.48 -6.88 25.16
N ASP C 62 25.86 -5.97 24.26
CA ASP C 62 27.11 -6.12 23.52
C ASP C 62 28.28 -5.63 24.37
N LEU C 95 24.51 -0.07 36.97
CA LEU C 95 23.41 -0.85 36.42
C LEU C 95 23.32 -0.69 34.91
N ALA C 96 23.79 -1.72 34.19
CA ALA C 96 23.74 -1.68 32.73
C ALA C 96 22.33 -1.92 32.24
N VAL C 97 21.86 -1.07 31.34
CA VAL C 97 20.54 -1.17 30.73
C VAL C 97 20.70 -1.08 29.22
N CYS C 98 19.81 -1.77 28.50
CA CYS C 98 19.91 -1.84 27.05
C CYS C 98 19.43 -0.52 26.43
N LEU C 99 19.34 -0.49 25.10
CA LEU C 99 18.86 0.68 24.39
C LEU C 99 17.34 0.77 24.35
N GLY C 100 16.63 -0.30 24.71
CA GLY C 100 15.18 -0.27 24.77
C GLY C 100 14.49 -0.06 23.44
N GLY C 101 15.03 -0.66 22.39
CA GLY C 101 14.42 -0.52 21.07
C GLY C 101 14.52 0.86 20.48
N THR C 102 15.48 1.68 20.94
CA THR C 102 15.66 3.04 20.44
C THR C 102 17.15 3.37 20.50
N ASN C 103 17.77 3.51 19.34
CA ASN C 103 19.19 3.83 19.29
C ASN C 103 19.44 5.22 19.86
N THR C 104 20.46 5.32 20.70
CA THR C 104 20.84 6.56 21.38
C THR C 104 19.64 7.26 21.98
N GLY C 105 19.23 8.38 21.39
CA GLY C 105 18.13 9.15 21.91
C GLY C 105 17.23 9.73 20.84
N ASP C 106 17.20 9.11 19.66
CA ASP C 106 16.32 9.54 18.58
C ASP C 106 14.88 9.65 19.08
N ASP C 107 14.33 10.86 19.04
CA ASP C 107 13.06 11.15 19.68
C ASP C 107 11.92 10.82 18.71
N PHE C 108 10.69 11.12 19.12
CA PHE C 108 9.48 10.83 18.35
C PHE C 108 9.38 9.34 18.05
N GLU C 109 9.60 8.52 19.07
CA GLU C 109 9.49 7.08 18.96
C GLU C 109 8.15 6.62 19.51
N LEU C 110 7.64 5.52 18.96
CA LEU C 110 6.37 4.98 19.39
C LEU C 110 6.48 4.48 20.83
N PRO C 111 5.57 4.89 21.73
CA PRO C 111 5.64 4.40 23.11
C PRO C 111 5.04 3.03 23.29
N ALA C 112 5.35 2.11 22.37
CA ALA C 112 4.94 0.72 22.48
C ALA C 112 6.07 -0.26 22.19
N ASN C 113 7.09 0.15 21.46
CA ASN C 113 8.30 -0.63 21.27
C ASN C 113 9.30 -0.37 22.38
N LEU C 114 8.98 0.52 23.31
CA LEU C 114 9.89 0.94 24.36
C LEU C 114 9.78 0.02 25.58
N SER C 115 10.93 -0.34 26.13
CA SER C 115 11.00 -1.13 27.35
C SER C 115 12.15 -0.62 28.20
N CYS C 116 12.29 -1.18 29.41
CA CYS C 116 13.31 -0.77 30.37
C CYS C 116 13.30 0.74 30.63
N ASP C 117 14.45 1.38 30.44
CA ASP C 117 14.61 2.78 30.82
C ASP C 117 13.76 3.70 29.95
N SER C 118 13.64 3.41 28.66
CA SER C 118 12.96 4.32 27.76
C SER C 118 11.48 4.44 28.09
N TYR C 119 10.79 3.30 28.25
CA TYR C 119 9.38 3.36 28.59
C TYR C 119 9.18 3.86 30.02
N LYS C 120 10.17 3.63 30.90
CA LYS C 120 10.08 4.21 32.24
C LYS C 120 10.10 5.73 32.19
N SER C 121 10.99 6.31 31.36
CA SER C 121 11.02 7.75 31.20
C SER C 121 9.74 8.26 30.54
N HIS C 122 9.21 7.52 29.57
CA HIS C 122 7.94 7.91 28.96
C HIS C 122 6.81 7.91 29.98
N TYR C 123 6.78 6.89 30.84
CA TYR C 123 5.79 6.84 31.92
C TYR C 123 5.92 8.03 32.85
N GLU C 124 7.16 8.36 33.22
CA GLU C 124 7.42 9.50 34.09
C GLU C 124 6.91 10.78 33.47
N ASP C 125 7.18 10.98 32.18
CA ASP C 125 6.73 12.20 31.52
C ASP C 125 5.21 12.23 31.37
N LYS C 126 4.60 11.09 31.04
CA LYS C 126 3.17 11.08 30.74
C LYS C 126 2.32 11.26 31.99
N ASN C 127 2.66 10.57 33.08
CA ASN C 127 1.84 10.59 34.28
C ASN C 127 2.35 11.59 35.33
N LYS C 128 3.36 12.38 34.99
CA LYS C 128 3.79 13.51 35.83
C LYS C 128 4.20 13.06 37.22
N ILE C 129 4.84 11.89 37.31
CA ILE C 129 5.36 11.43 38.60
C ILE C 129 6.63 12.21 38.92
N ASN C 130 6.78 12.57 40.19
CA ASN C 130 7.89 13.42 40.63
C ASN C 130 8.98 12.64 41.36
N ASP C 131 8.59 11.75 42.29
CA ASP C 131 9.56 10.96 43.02
C ASP C 131 10.19 9.93 42.09
N LYS C 132 11.46 10.13 41.76
CA LYS C 132 12.17 9.27 40.82
C LYS C 132 13.05 8.23 41.52
N ASP C 133 12.80 7.97 42.80
CA ASP C 133 13.58 6.95 43.50
C ASP C 133 13.30 5.56 42.93
N TRP C 134 12.02 5.22 42.77
CA TRP C 134 11.54 3.97 42.18
C TRP C 134 11.98 2.74 42.97
N THR C 135 12.56 2.91 44.15
CA THR C 135 12.99 1.79 44.97
C THR C 135 11.95 1.58 46.07
N GLY C 136 11.27 0.44 46.03
CA GLY C 136 10.18 0.16 46.95
C GLY C 136 8.95 -0.30 46.24
N LYS C 137 8.79 0.13 44.99
CA LYS C 137 7.69 -0.31 44.14
C LYS C 137 8.18 -1.09 42.92
N ILE C 138 9.49 -1.14 42.70
CA ILE C 138 10.08 -1.89 41.60
C ILE C 138 10.93 -3.00 42.20
N LEU C 139 10.66 -4.24 41.82
CA LEU C 139 11.45 -5.39 42.23
C LEU C 139 12.10 -5.99 41.00
N LEU C 140 13.43 -6.12 41.04
CA LEU C 140 14.18 -6.68 39.93
C LEU C 140 14.77 -8.04 40.32
N PRO C 141 15.03 -8.92 39.35
CA PRO C 141 15.33 -10.33 39.70
C PRO C 141 16.53 -10.51 40.63
N LEU C 142 17.58 -9.71 40.48
CA LEU C 142 18.79 -9.96 41.26
C LEU C 142 18.61 -9.58 42.73
N THR C 143 17.95 -8.44 42.99
CA THR C 143 17.77 -8.00 44.38
C THR C 143 16.85 -8.93 45.16
N LEU C 144 15.98 -9.65 44.46
CA LEU C 144 15.12 -10.61 45.14
C LEU C 144 15.94 -11.76 45.72
N PRO C 145 15.49 -12.37 46.81
CA PRO C 145 16.26 -13.45 47.43
C PRO C 145 16.30 -14.71 46.58
N ASP C 146 17.09 -14.67 45.51
CA ASP C 146 17.23 -15.75 44.53
C ASP C 146 15.91 -16.48 44.29
N ALA C 147 14.88 -15.69 44.00
CA ALA C 147 13.54 -16.22 43.75
C ALA C 147 12.93 -15.52 42.55
N HIS C 148 12.20 -16.29 41.76
CA HIS C 148 11.52 -15.78 40.56
C HIS C 148 10.07 -16.24 40.52
N ASN C 149 9.54 -16.75 41.63
CA ASN C 149 8.19 -17.28 41.66
C ASN C 149 7.12 -16.20 41.56
N PHE C 150 7.51 -14.92 41.63
CA PHE C 150 6.55 -13.84 41.46
C PHE C 150 5.92 -13.87 40.09
N PHE C 151 6.63 -14.39 39.09
CA PHE C 151 6.26 -14.27 37.69
C PHE C 151 5.76 -15.60 37.15
N THR C 152 4.64 -15.57 36.44
CA THR C 152 4.21 -16.71 35.64
C THR C 152 4.73 -16.53 34.22
N PHE C 153 4.25 -17.36 33.30
CA PHE C 153 4.68 -17.27 31.89
C PHE C 153 3.53 -17.74 31.02
N GLU C 154 2.77 -16.80 30.47
CA GLU C 154 1.68 -17.10 29.55
C GLU C 154 2.28 -17.55 28.23
N LYS C 155 2.32 -18.87 28.01
CA LYS C 155 3.02 -19.43 26.86
C LYS C 155 2.29 -19.18 25.55
N VAL C 156 1.03 -18.78 25.58
CA VAL C 156 0.31 -18.47 24.34
C VAL C 156 0.79 -17.16 23.73
N THR C 157 1.32 -16.25 24.55
CA THR C 157 1.72 -14.93 24.07
C THR C 157 3.16 -14.62 24.44
N GLY C 158 3.65 -15.22 25.51
CA GLY C 158 4.97 -14.91 26.01
C GLY C 158 5.02 -13.82 27.05
N LYS C 159 3.89 -13.48 27.66
CA LYS C 159 3.85 -12.42 28.66
C LYS C 159 4.29 -12.94 30.02
N LEU C 160 5.05 -12.12 30.74
CA LEU C 160 5.35 -12.37 32.15
C LEU C 160 4.26 -11.72 32.99
N LEU C 161 3.55 -12.55 33.76
CA LEU C 161 2.40 -12.09 34.52
C LEU C 161 2.58 -12.40 35.99
N PRO C 162 2.00 -11.60 36.88
CA PRO C 162 2.16 -11.87 38.31
C PRO C 162 1.38 -13.08 38.76
N ASN C 163 1.87 -13.72 39.83
CA ASN C 163 1.29 -14.92 40.38
C ASN C 163 0.58 -14.60 41.68
N GLU C 164 -0.66 -15.07 41.82
CA GLU C 164 -1.38 -14.89 43.07
C GLU C 164 -0.64 -15.57 44.22
N SER C 165 -0.24 -16.82 44.01
CA SER C 165 0.59 -17.53 44.97
C SER C 165 2.01 -16.97 44.97
N TYR C 166 2.66 -17.06 46.12
CA TYR C 166 3.99 -16.53 46.38
C TYR C 166 4.05 -15.01 46.29
N CYS C 167 2.93 -14.36 46.00
CA CYS C 167 2.80 -12.92 46.12
C CYS C 167 1.80 -12.50 47.19
N ASN C 168 0.77 -13.31 47.44
CA ASN C 168 -0.07 -13.09 48.60
C ASN C 168 0.47 -13.78 49.85
N THR C 169 1.71 -14.26 49.81
CA THR C 169 2.32 -14.93 50.96
C THR C 169 3.74 -14.41 51.24
N ILE C 170 4.05 -13.19 50.81
CA ILE C 170 5.38 -12.63 51.05
C ILE C 170 5.26 -11.11 51.12
N SER C 171 6.17 -10.49 51.88
CA SER C 171 6.24 -9.04 52.01
C SER C 171 7.66 -8.59 51.72
N ILE C 172 7.80 -7.45 51.05
CA ILE C 172 9.09 -6.94 50.62
C ILE C 172 9.33 -5.60 51.32
N ASP C 173 10.50 -5.48 51.95
CA ASP C 173 10.98 -4.29 52.67
C ASP C 173 10.11 -3.96 53.88
N GLY C 174 9.05 -4.71 54.14
CA GLY C 174 8.19 -4.50 55.28
C GLY C 174 6.92 -3.77 54.88
N LYS C 175 5.88 -4.54 54.59
CA LYS C 175 4.59 -4.02 54.12
C LYS C 175 3.56 -5.11 54.35
N PRO C 176 2.26 -4.77 54.22
CA PRO C 176 1.25 -5.82 54.23
C PRO C 176 1.48 -6.82 53.11
N ALA C 177 1.13 -8.07 53.38
CA ALA C 177 1.33 -9.14 52.40
C ALA C 177 0.42 -9.00 51.18
N ALA C 178 -0.55 -8.11 51.21
CA ALA C 178 -1.46 -7.90 50.10
C ALA C 178 -1.01 -6.78 49.17
N GLU C 179 0.26 -6.38 49.22
CA GLU C 179 0.78 -5.33 48.35
C GLU C 179 1.92 -5.78 47.45
N THR C 180 2.48 -6.98 47.68
CA THR C 180 3.51 -7.50 46.80
C THR C 180 2.96 -7.72 45.39
N LEU C 181 1.70 -8.14 45.29
CA LEU C 181 1.06 -8.28 43.99
C LEU C 181 1.05 -6.95 43.24
N SER C 182 0.70 -5.87 43.93
CA SER C 182 0.68 -4.57 43.28
C SER C 182 2.09 -4.11 42.92
N ILE C 183 3.07 -4.43 43.77
CA ILE C 183 4.46 -4.11 43.43
C ILE C 183 4.86 -4.79 42.12
N VAL C 184 4.55 -6.08 41.99
CA VAL C 184 4.90 -6.82 40.79
C VAL C 184 4.15 -6.28 39.57
N THR C 185 2.85 -6.00 39.74
CA THR C 185 2.05 -5.51 38.63
C THR C 185 2.54 -4.14 38.15
N LYS C 186 2.89 -3.25 39.08
CA LYS C 186 3.42 -1.95 38.70
C LYS C 186 4.79 -2.08 38.05
N THR C 187 5.62 -3.01 38.54
CA THR C 187 6.92 -3.23 37.92
C THR C 187 6.76 -3.70 36.47
N ILE C 188 5.80 -4.59 36.23
CA ILE C 188 5.52 -5.03 34.86
C ILE C 188 5.00 -3.86 34.03
N GLU C 189 4.14 -3.04 34.62
CA GLU C 189 3.53 -1.93 33.88
C GLU C 189 4.54 -0.81 33.62
N VAL C 190 5.33 -0.45 34.64
CA VAL C 190 6.28 0.65 34.48
C VAL C 190 7.36 0.31 33.48
N LEU C 191 7.97 -0.87 33.62
CA LEU C 191 9.03 -1.28 32.71
C LEU C 191 8.50 -1.75 31.36
N ASN C 192 7.22 -2.11 31.29
CA ASN C 192 6.59 -2.63 30.08
C ASN C 192 7.39 -3.82 29.54
N LEU C 193 7.45 -4.88 30.36
CA LEU C 193 8.12 -6.10 29.98
C LEU C 193 7.29 -6.97 29.07
N ASN C 194 6.05 -6.57 28.77
CA ASN C 194 5.16 -7.31 27.89
C ASN C 194 5.08 -6.66 26.50
N CYS C 195 6.17 -6.07 26.03
CA CYS C 195 6.22 -5.57 24.67
C CYS C 195 6.15 -6.73 23.69
N SER C 196 5.50 -6.48 22.55
CA SER C 196 5.37 -7.52 21.52
C SER C 196 6.73 -8.04 21.10
N ARG C 197 7.74 -7.16 21.07
CA ARG C 197 9.09 -7.59 20.74
C ARG C 197 9.63 -8.58 21.76
N LEU C 198 9.53 -8.23 23.05
CA LEU C 198 10.03 -9.13 24.10
C LEU C 198 9.19 -10.40 24.19
N ASN C 199 7.87 -10.29 24.01
CA ASN C 199 7.03 -11.48 24.04
C ASN C 199 7.41 -12.44 22.92
N ASN C 200 7.50 -11.93 21.68
CA ASN C 200 7.88 -12.78 20.56
C ASN C 200 9.33 -13.25 20.64
N ALA C 201 10.16 -12.59 21.45
CA ALA C 201 11.52 -13.06 21.64
C ALA C 201 11.59 -14.21 22.63
N ARG C 202 11.03 -14.02 23.83
CA ARG C 202 11.05 -15.10 24.81
C ARG C 202 10.09 -16.23 24.44
N ARG C 203 9.24 -16.03 23.43
CA ARG C 203 8.40 -17.12 22.94
C ARG C 203 9.24 -18.20 22.26
N LYS C 204 10.40 -17.82 21.71
CA LYS C 204 11.24 -18.77 20.98
C LYS C 204 11.98 -19.73 21.90
N LEU C 205 12.19 -19.37 23.17
CA LEU C 205 12.78 -20.31 24.10
C LEU C 205 11.88 -21.52 24.31
N LEU C 206 10.57 -21.32 24.28
CA LEU C 206 9.65 -22.45 24.36
C LEU C 206 9.81 -23.36 23.14
N PHE C 207 9.98 -22.77 21.94
CA PHE C 207 10.22 -23.58 20.75
C PHE C 207 11.51 -24.38 20.87
N HIS C 208 12.58 -23.74 21.36
CA HIS C 208 13.85 -24.45 21.49
C HIS C 208 13.77 -25.56 22.53
N PHE C 209 12.99 -25.35 23.60
CA PHE C 209 12.82 -26.39 24.61
C PHE C 209 11.91 -27.50 24.11
N ASN C 210 10.98 -27.19 23.22
CA ASN C 210 10.13 -28.21 22.62
C ASN C 210 10.91 -29.08 21.64
N ASN C 211 11.79 -28.47 20.85
CA ASN C 211 12.54 -29.22 19.85
C ASN C 211 13.39 -30.31 20.50
N CYS C 212 13.95 -30.04 21.68
CA CYS C 212 14.69 -31.08 22.39
C CYS C 212 13.77 -32.23 22.80
N ALA C 213 12.55 -31.91 23.24
CA ALA C 213 11.58 -32.93 23.62
C ALA C 213 10.68 -33.33 22.45
N ARG C 214 11.31 -33.66 21.33
CA ARG C 214 10.63 -34.18 20.15
C ARG C 214 10.92 -35.65 19.92
N GLU C 215 12.18 -36.05 19.98
CA GLU C 215 12.57 -37.46 19.90
C GLU C 215 12.25 -38.21 21.18
N ARG C 216 11.80 -37.53 22.22
CA ARG C 216 11.45 -38.15 23.51
C ARG C 216 12.65 -38.91 24.10
N ASN C 217 13.83 -38.30 23.99
CA ASN C 217 15.04 -38.85 24.60
C ASN C 217 15.29 -38.13 25.91
N LEU C 218 15.28 -38.87 27.01
CA LEU C 218 15.48 -38.27 28.32
C LEU C 218 16.92 -37.84 28.57
N ARG C 219 17.86 -38.25 27.72
CA ARG C 219 19.24 -37.81 27.92
C ARG C 219 19.46 -36.41 27.37
N LYS C 220 18.94 -36.11 26.17
CA LYS C 220 19.07 -34.77 25.62
C LYS C 220 18.32 -33.74 26.44
N LEU C 221 17.16 -34.11 27.00
CA LEU C 221 16.44 -33.18 27.86
C LEU C 221 17.20 -32.94 29.16
N HIS C 222 17.77 -34.00 29.74
CA HIS C 222 18.64 -33.83 30.90
C HIS C 222 19.80 -32.89 30.59
N ASN C 223 20.40 -33.05 29.41
CA ASN C 223 21.47 -32.18 28.97
C ASN C 223 21.00 -30.74 28.83
N LEU C 224 19.80 -30.54 28.29
CA LEU C 224 19.24 -29.21 28.16
C LEU C 224 19.08 -28.54 29.51
N LEU C 225 18.57 -29.29 30.51
CA LEU C 225 18.46 -28.72 31.85
C LEU C 225 19.84 -28.47 32.45
N LEU C 226 20.80 -29.36 32.21
CA LEU C 226 22.14 -29.17 32.76
C LEU C 226 22.79 -27.91 32.22
N GLN C 227 22.52 -27.57 30.96
CA GLN C 227 23.06 -26.33 30.39
C GLN C 227 22.23 -25.10 30.76
N TRP C 228 20.91 -25.24 30.91
CA TRP C 228 20.04 -24.11 31.23
C TRP C 228 20.06 -23.75 32.70
N ASN C 229 20.50 -24.65 33.57
CA ASN C 229 20.58 -24.41 35.00
C ASN C 229 22.04 -24.42 35.45
N GLN C 230 22.89 -23.79 34.66
CA GLN C 230 24.31 -23.65 34.93
C GLN C 230 24.60 -22.22 35.34
N GLY C 231 25.72 -22.02 36.03
CA GLY C 231 26.12 -20.71 36.49
C GLY C 231 26.34 -19.71 35.38
N GLU C 232 26.69 -18.47 35.74
CA GLU C 232 26.82 -17.36 34.80
C GLU C 232 25.51 -17.23 34.03
N PRO C 233 24.47 -16.66 34.64
CA PRO C 233 23.17 -16.58 33.98
C PRO C 233 23.25 -15.94 32.61
N LYS C 234 22.65 -16.60 31.62
CA LYS C 234 22.74 -16.21 30.23
C LYS C 234 21.44 -15.52 29.79
N PHE C 235 21.33 -15.31 28.48
CA PHE C 235 20.19 -14.62 27.88
C PHE C 235 18.86 -15.20 28.33
N PHE C 236 17.98 -14.31 28.82
CA PHE C 236 16.65 -14.67 29.31
C PHE C 236 16.70 -15.77 30.36
N GLN C 237 17.47 -15.52 31.41
CA GLN C 237 17.56 -16.49 32.51
C GLN C 237 16.54 -16.16 33.61
N THR C 238 15.30 -15.93 33.19
CA THR C 238 14.17 -15.96 34.13
C THR C 238 13.09 -16.89 33.59
N THR C 239 12.80 -16.76 32.30
CA THR C 239 11.92 -17.71 31.64
C THR C 239 12.60 -19.07 31.52
N ARG C 240 13.93 -19.06 31.39
CA ARG C 240 14.70 -20.30 31.37
C ARG C 240 14.52 -21.10 32.65
N ASP C 241 14.12 -20.44 33.74
CA ASP C 241 13.83 -21.11 35.01
C ASP C 241 12.35 -21.35 35.22
N ILE C 242 11.49 -20.44 34.77
CA ILE C 242 10.05 -20.68 34.88
C ILE C 242 9.63 -21.89 34.05
N ILE C 243 10.24 -22.07 32.88
CA ILE C 243 9.90 -23.20 32.02
C ILE C 243 10.25 -24.52 32.71
N ILE C 244 11.43 -24.58 33.33
CA ILE C 244 11.80 -25.78 34.08
C ILE C 244 10.90 -25.95 35.30
N ARG C 245 10.50 -24.84 35.92
CA ARG C 245 9.58 -24.91 37.06
C ARG C 245 8.29 -25.62 36.67
N ASP C 246 7.56 -25.05 35.70
CA ASP C 246 6.27 -25.61 35.31
C ASP C 246 6.40 -26.80 34.36
N ASP C 247 7.21 -27.79 34.74
CA ASP C 247 7.31 -29.04 34.00
C ASP C 247 7.35 -30.20 34.98
N ARG C 248 6.80 -31.33 34.57
CA ARG C 248 6.79 -32.52 35.40
C ARG C 248 7.97 -33.45 35.13
N ILE C 249 8.40 -33.57 33.87
CA ILE C 249 9.57 -34.39 33.58
C ILE C 249 10.83 -33.73 34.09
N CYS C 250 10.96 -32.41 33.89
CA CYS C 250 12.17 -31.70 34.29
C CYS C 250 12.31 -31.67 35.81
N GLN C 251 11.22 -31.32 36.51
CA GLN C 251 11.27 -31.29 37.97
C GLN C 251 11.49 -32.68 38.55
N GLY C 252 10.83 -33.69 37.98
CA GLY C 252 11.02 -35.05 38.45
C GLY C 252 12.44 -35.55 38.23
N LEU C 253 13.02 -35.19 37.09
CA LEU C 253 14.40 -35.58 36.80
C LEU C 253 15.38 -34.85 37.72
N LEU C 254 15.09 -33.59 38.05
CA LEU C 254 15.93 -32.87 39.00
C LEU C 254 15.83 -33.46 40.40
N ASN C 255 14.64 -33.90 40.79
CA ASN C 255 14.43 -34.42 42.14
C ASN C 255 15.12 -35.76 42.32
N GLY C 256 14.74 -36.76 41.52
CA GLY C 256 15.31 -38.08 41.67
C GLY C 256 14.32 -39.19 41.37
N THR C 257 13.04 -38.83 41.21
CA THR C 257 12.02 -39.82 40.87
C THR C 257 12.16 -40.34 39.44
N ILE C 258 12.96 -39.68 38.61
CA ILE C 258 13.23 -40.12 37.24
C ILE C 258 14.73 -40.36 37.12
N ARG C 259 15.11 -41.56 36.68
CA ARG C 259 16.50 -41.93 36.50
C ARG C 259 16.70 -42.39 35.06
N TYR C 260 17.50 -41.65 34.30
CA TYR C 260 17.69 -41.92 32.88
C TYR C 260 18.76 -42.98 32.66
PG ATP D . -0.56 -3.75 -14.59
O1G ATP D . 0.90 -3.65 -14.93
O2G ATP D . -1.05 -2.41 -14.07
O3G ATP D . -0.77 -4.80 -13.52
PB ATP D . -1.62 -5.66 -16.45
O1B ATP D . -0.90 -6.62 -15.59
O2B ATP D . -3.11 -5.98 -16.40
O3B ATP D . -1.39 -4.14 -15.92
PA ATP D . -1.94 -5.55 -19.42
O1A ATP D . -3.45 -5.95 -19.23
O2A ATP D . -1.85 -4.03 -19.80
O3A ATP D . -1.05 -5.81 -18.01
O5' ATP D . -1.28 -6.46 -20.62
C5' ATP D . -0.71 -5.82 -21.76
C4' ATP D . 0.55 -6.52 -22.05
O4' ATP D . 0.35 -7.56 -23.38
C3' ATP D . 1.49 -5.66 -22.33
O3' ATP D . 2.66 -5.93 -21.51
C2' ATP D . 1.86 -5.85 -23.87
O2' ATP D . 3.13 -6.06 -23.98
C1' ATP D . 1.07 -7.13 -24.37
N9 ATP D . 0.22 -6.79 -25.51
C8 ATP D . -0.92 -6.13 -25.44
N7 ATP D . -1.42 -6.00 -26.66
C5 ATP D . -0.57 -6.61 -27.54
C6 ATP D . -0.57 -6.80 -28.96
N6 ATP D . -1.69 -6.28 -29.80
N1 ATP D . 0.43 -7.45 -29.51
C2 ATP D . 1.44 -7.92 -28.78
N3 ATP D . 1.46 -7.77 -27.45
C4 ATP D . 0.47 -7.11 -26.81
PG ATP E . -4.86 9.55 1.31
O1G ATP E . -6.03 8.62 1.44
O2G ATP E . -5.07 10.44 0.09
O3G ATP E . -3.59 8.74 1.14
PB ATP E . -3.42 11.32 3.02
O1B ATP E . -2.55 10.52 3.90
O2B ATP E . -2.66 11.66 1.74
O3B ATP E . -4.74 10.46 2.63
PA ATP E . -4.72 14.00 3.15
O1A ATP E . -3.90 15.34 3.35
O2A ATP E . -4.95 13.72 1.63
O3A ATP E . -3.86 12.72 3.83
O5' ATP E . -6.17 14.11 3.92
C5' ATP E . -6.52 15.33 4.56
C4' ATP E . -7.22 14.97 5.79
O4' ATP E . -7.14 16.23 6.93
C3' ATP E . -8.48 14.72 5.51
O3' ATP E . -8.78 13.34 5.82
C2' ATP E . -9.36 15.68 6.43
O2' ATP E . -9.98 14.98 7.32
C1' ATP E . -8.35 16.68 7.15
N9 ATP E . -8.51 18.03 6.65
C8 ATP E . -8.10 18.46 5.48
N7 ATP E . -8.40 19.75 5.35
C5 ATP E . -9.01 20.14 6.49
C6 ATP E . -9.57 21.40 6.94
N6 ATP E . -9.52 22.60 6.07
N1 ATP E . -10.12 21.45 8.14
C2 ATP E . -10.18 20.38 8.93
N3 ATP E . -9.67 19.20 8.54
C4 ATP E . -9.09 19.06 7.32
ZN ZN F . 16.60 -4.34 28.82
#